data_9K00
#
_entry.id   9K00
#
_cell.length_a   102.230
_cell.length_b   113.116
_cell.length_c   70.824
_cell.angle_alpha   90.00
_cell.angle_beta   105.96
_cell.angle_gamma   90.00
#
_symmetry.space_group_name_H-M   'C 1 2 1'
#
loop_
_entity.id
_entity.type
_entity.pdbx_description
1 polymer 'Phosphoribosylformylglycinamidine cyclo-ligase'
2 non-polymer 'SULFATE ION'
3 water water
#
_entity_poly.entity_id   1
_entity_poly.type   'polypeptide(L)'
_entity_poly.pdbx_seq_one_letter_code
;TARALREIIRTARETFKLRKGKVGEPGDIGHYAALLDFGNFYLAMTTDGVGTKVLVAEAVGKFDTIGIDMIAMNVNDLLC
VGAEPLALVDYFAVKEPNEEVFKQVAKGLYKGAEEAGVAIVGGETAVMPDLINGYDLAGTAIGIVEKGKVITGERIRPGD
SVIGISSSGIHSNGLTLARKLLIPKYGLDYEYEGRKLWEWLLEPTRIYVRPILELINSVEVHGLAHITGGGLLNLKRLTN
YGFELEMPPIEGIFKLIHENGVPLDEMFRVFNMGVGFIVVVPQEEKEEALEILSRHYKSYELGNVTRELGKIKVKNYGIT
L
;
_entity_poly.pdbx_strand_id   A,B
#
loop_
_chem_comp.id
_chem_comp.type
_chem_comp.name
_chem_comp.formula
SO4 non-polymer 'SULFATE ION' 'O4 S -2'
#
# COMPACT_ATOMS: atom_id res chain seq x y z
N THR A 1 19.83 0.35 -6.09
CA THR A 1 18.39 0.34 -5.92
C THR A 1 17.70 1.32 -6.87
N ALA A 2 18.25 2.53 -7.00
CA ALA A 2 17.67 3.52 -7.89
C ALA A 2 17.96 3.22 -9.35
N ARG A 3 19.05 2.49 -9.62
CA ARG A 3 19.34 2.04 -10.97
C ARG A 3 18.36 0.93 -11.39
N ALA A 4 18.17 -0.06 -10.52
CA ALA A 4 17.16 -1.07 -10.75
C ALA A 4 15.77 -0.44 -10.91
N LEU A 5 15.51 0.64 -10.17
CA LEU A 5 14.19 1.28 -10.17
C LEU A 5 13.94 2.16 -11.38
N ARG A 6 14.97 2.45 -12.18
CA ARG A 6 14.78 3.34 -13.33
C ARG A 6 13.71 2.82 -14.28
N GLU A 7 13.69 1.51 -14.53
CA GLU A 7 12.72 0.94 -15.45
C GLU A 7 11.30 1.10 -14.92
N ILE A 8 11.11 0.81 -13.63
CA ILE A 8 9.79 0.94 -13.01
C ILE A 8 9.30 2.37 -13.14
N ILE A 9 10.15 3.33 -12.73
CA ILE A 9 9.81 4.76 -12.80
C ILE A 9 9.48 5.17 -14.23
N ARG A 10 10.25 4.66 -15.20
CA ARG A 10 10.06 5.04 -16.59
C ARG A 10 8.70 4.56 -17.11
N THR A 11 8.38 3.27 -16.91
CA THR A 11 7.10 2.78 -17.42
C THR A 11 5.95 3.37 -16.63
N ALA A 12 6.14 3.58 -15.32
CA ALA A 12 5.16 4.31 -14.53
C ALA A 12 4.82 5.65 -15.20
N ARG A 13 5.83 6.41 -15.61
CA ARG A 13 5.56 7.71 -16.22
C ARG A 13 4.73 7.58 -17.50
N GLU A 14 4.96 6.50 -18.26
CA GLU A 14 4.22 6.31 -19.50
C GLU A 14 2.73 6.10 -19.25
N THR A 15 2.35 5.59 -18.09
CA THR A 15 0.94 5.35 -17.80
C THR A 15 0.16 6.62 -17.51
N PHE A 16 0.83 7.76 -17.29
CA PHE A 16 0.11 9.00 -17.00
C PHE A 16 -0.88 9.37 -18.09
N LYS A 17 -0.56 9.04 -19.35
CA LYS A 17 -1.46 9.38 -20.46
C LYS A 17 -2.85 8.78 -20.27
N LEU A 18 -2.93 7.61 -19.63
CA LEU A 18 -4.20 6.91 -19.46
C LEU A 18 -5.22 7.73 -18.68
N ARG A 19 -4.78 8.70 -17.88
CA ARG A 19 -5.69 9.58 -17.15
C ARG A 19 -5.64 11.01 -17.67
N LYS A 20 -4.95 11.25 -18.78
CA LYS A 20 -4.83 12.59 -19.34
C LYS A 20 -6.20 13.13 -19.73
N GLY A 21 -6.51 14.32 -19.22
CA GLY A 21 -7.79 14.96 -19.46
C GLY A 21 -8.94 14.42 -18.64
N LYS A 22 -8.67 13.54 -17.69
CA LYS A 22 -9.71 12.90 -16.91
C LYS A 22 -9.54 13.19 -15.42
N VAL A 23 -10.62 12.95 -14.68
CA VAL A 23 -10.50 12.99 -13.23
C VAL A 23 -9.41 12.03 -12.80
N GLY A 24 -8.57 12.46 -11.88
CA GLY A 24 -7.46 11.67 -11.40
C GLY A 24 -6.15 11.83 -12.15
N GLU A 25 -6.07 12.75 -13.10
CA GLU A 25 -4.85 12.91 -13.87
C GLU A 25 -3.67 13.18 -12.94
N PRO A 26 -2.53 12.52 -13.12
CA PRO A 26 -1.37 12.80 -12.25
C PRO A 26 -0.86 14.22 -12.50
N GLY A 27 -0.99 15.09 -11.48
CA GLY A 27 -0.54 16.46 -11.55
C GLY A 27 0.95 16.62 -11.78
N ASP A 28 1.74 15.60 -11.44
CA ASP A 28 3.18 15.55 -11.73
C ASP A 28 3.88 16.86 -11.33
N ILE A 29 3.65 17.27 -10.09
CA ILE A 29 4.37 18.36 -9.43
C ILE A 29 4.58 17.94 -7.98
N GLY A 30 5.71 18.29 -7.40
CA GLY A 30 6.03 17.82 -6.05
C GLY A 30 6.96 16.63 -6.08
N HIS A 31 7.10 15.97 -4.91
CA HIS A 31 8.16 14.94 -4.79
C HIS A 31 7.86 13.79 -3.84
N TYR A 32 7.33 14.09 -2.67
CA TYR A 32 7.10 13.08 -1.63
C TYR A 32 5.76 12.37 -1.78
N ALA A 33 4.88 12.86 -2.64
CA ALA A 33 3.55 12.30 -2.77
C ALA A 33 3.11 12.53 -4.21
N ALA A 34 2.32 11.60 -4.74
CA ALA A 34 1.69 11.83 -6.05
C ALA A 34 0.52 12.78 -5.89
N LEU A 35 0.32 13.64 -6.88
CA LEU A 35 -0.82 14.57 -6.86
C LEU A 35 -1.77 14.21 -7.99
N LEU A 36 -3.03 13.99 -7.65
CA LEU A 36 -4.06 13.65 -8.62
C LEU A 36 -5.04 14.80 -8.75
N ASP A 37 -5.26 15.24 -9.98
CA ASP A 37 -6.11 16.39 -10.26
C ASP A 37 -7.59 16.03 -10.14
N PHE A 38 -8.26 16.61 -9.15
CA PHE A 38 -9.70 16.46 -8.97
C PHE A 38 -10.43 17.80 -9.12
N GLY A 39 -9.88 18.72 -9.92
CA GLY A 39 -10.53 19.99 -10.18
C GLY A 39 -10.14 21.12 -9.24
N ASN A 40 -10.99 21.40 -8.25
CA ASN A 40 -10.64 22.42 -7.26
C ASN A 40 -9.44 22.02 -6.39
N PHE A 41 -9.17 20.73 -6.24
CA PHE A 41 -8.18 20.27 -5.30
C PHE A 41 -7.40 19.10 -5.89
N TYR A 42 -6.22 18.85 -5.32
CA TYR A 42 -5.45 17.65 -5.61
C TYR A 42 -5.63 16.64 -4.49
N LEU A 43 -5.72 15.37 -4.85
CA LEU A 43 -5.53 14.33 -3.88
C LEU A 43 -4.05 13.96 -3.89
N ALA A 44 -3.43 13.94 -2.70
CA ALA A 44 -2.04 13.53 -2.57
C ALA A 44 -1.99 12.11 -2.02
N MET A 45 -1.10 11.30 -2.56
CA MET A 45 -1.07 9.88 -2.22
C MET A 45 0.38 9.42 -2.07
N THR A 46 0.67 8.70 -0.98
CA THR A 46 2.01 8.27 -0.65
C THR A 46 2.00 6.84 -0.13
N THR A 47 3.16 6.18 -0.21
CA THR A 47 3.32 4.81 0.28
C THR A 47 4.61 4.73 1.07
N ASP A 48 4.57 4.05 2.20
CA ASP A 48 5.76 3.96 3.06
C ASP A 48 5.59 2.75 3.95
N GLY A 49 6.70 2.11 4.30
CA GLY A 49 6.73 1.06 5.28
C GLY A 49 7.61 1.40 6.49
N VAL A 50 7.55 0.53 7.48
CA VAL A 50 8.31 0.70 8.71
C VAL A 50 9.77 0.25 8.55
N GLY A 51 10.04 -0.73 7.69
CA GLY A 51 11.39 -1.30 7.58
C GLY A 51 11.68 -2.30 8.70
N THR A 52 12.97 -2.58 8.90
CA THR A 52 13.39 -3.73 9.70
C THR A 52 13.36 -3.49 11.20
N LYS A 53 13.01 -2.27 11.60
CA LYS A 53 12.58 -1.98 12.97
C LYS A 53 11.64 -3.04 13.53
N VAL A 54 10.81 -3.66 12.66
CA VAL A 54 9.86 -4.65 13.16
C VAL A 54 10.56 -5.87 13.75
N LEU A 55 11.81 -6.12 13.37
CA LEU A 55 12.57 -7.23 13.98
C LEU A 55 12.91 -6.95 15.43
N VAL A 56 13.14 -5.70 15.79
CA VAL A 56 13.36 -5.40 17.19
C VAL A 56 12.06 -5.53 17.96
N ALA A 57 10.97 -5.04 17.38
CA ALA A 57 9.67 -5.11 18.04
C ALA A 57 9.31 -6.56 18.36
N GLU A 58 9.64 -7.45 17.45
CA GLU A 58 9.29 -8.85 17.62
C GLU A 58 10.07 -9.46 18.78
N ALA A 59 11.38 -9.22 18.82
CA ALA A 59 12.23 -9.83 19.84
C ALA A 59 11.76 -9.50 21.25
N VAL A 60 11.38 -8.27 21.50
CA VAL A 60 11.00 -7.86 22.86
C VAL A 60 9.49 -7.93 23.06
N GLY A 61 8.76 -8.46 22.08
CA GLY A 61 7.33 -8.64 22.22
C GLY A 61 6.56 -7.35 22.41
N LYS A 62 6.91 -6.33 21.62
CA LYS A 62 6.29 -5.02 21.76
C LYS A 62 6.10 -4.44 20.36
N PHE A 63 4.93 -4.71 19.79
CA PHE A 63 4.50 -4.16 18.52
C PHE A 63 3.59 -2.97 18.73
N ASP A 64 3.48 -2.51 19.98
CA ASP A 64 2.54 -1.48 20.38
C ASP A 64 2.77 -0.12 19.71
N THR A 65 3.93 0.10 19.07
CA THR A 65 4.24 1.41 18.49
C THR A 65 4.65 1.32 17.02
N ILE A 66 4.78 0.11 16.47
CA ILE A 66 5.09 -0.07 15.05
C ILE A 66 4.01 0.57 14.15
N GLY A 67 2.75 0.54 14.57
CA GLY A 67 1.72 1.22 13.78
C GLY A 67 1.92 2.72 13.74
N ILE A 68 2.52 3.27 14.79
CA ILE A 68 2.83 4.70 14.79
C ILE A 68 3.90 5.01 13.76
N ASP A 69 4.95 4.17 13.67
CA ASP A 69 5.95 4.34 12.62
C ASP A 69 5.30 4.36 11.23
N MET A 70 4.44 3.37 10.94
CA MET A 70 3.83 3.32 9.62
C MET A 70 3.01 4.56 9.32
N ILE A 71 2.17 4.97 10.27
CA ILE A 71 1.34 6.15 10.06
C ILE A 71 2.22 7.39 9.91
N ALA A 72 3.19 7.57 10.82
CA ALA A 72 4.06 8.74 10.80
C ALA A 72 4.80 8.88 9.47
N MET A 73 5.43 7.80 8.97
CA MET A 73 6.10 7.92 7.66
C MET A 73 5.17 8.39 6.56
N ASN A 74 3.96 7.86 6.52
CA ASN A 74 3.06 8.23 5.44
C ASN A 74 2.56 9.66 5.58
N VAL A 75 2.03 10.04 6.75
CA VAL A 75 1.49 11.40 6.86
C VAL A 75 2.59 12.44 6.82
N ASN A 76 3.79 12.16 7.36
CA ASN A 76 4.86 13.15 7.23
C ASN A 76 5.19 13.39 5.76
N ASP A 77 5.08 12.35 4.92
CA ASP A 77 5.34 12.50 3.50
C ASP A 77 4.29 13.38 2.84
N LEU A 78 3.01 13.14 3.18
CA LEU A 78 1.90 13.95 2.68
C LEU A 78 2.12 15.43 2.96
N LEU A 79 2.65 15.76 4.15
CA LEU A 79 2.87 17.17 4.50
C LEU A 79 3.79 17.86 3.51
N CYS A 80 4.68 17.11 2.86
CA CYS A 80 5.70 17.73 2.04
C CYS A 80 5.18 18.28 0.72
N VAL A 81 3.92 18.07 0.37
CA VAL A 81 3.31 18.82 -0.74
C VAL A 81 2.35 19.86 -0.23
N GLY A 82 2.27 20.03 1.10
CA GLY A 82 1.30 20.91 1.71
C GLY A 82 -0.07 20.31 1.91
N ALA A 83 -0.20 18.99 1.92
CA ALA A 83 -1.49 18.34 1.98
C ALA A 83 -1.91 18.08 3.42
N GLU A 84 -3.20 18.14 3.68
CA GLU A 84 -3.70 17.72 4.98
C GLU A 84 -4.05 16.24 4.96
N PRO A 85 -3.49 15.41 5.85
CA PRO A 85 -3.77 13.97 5.81
C PRO A 85 -5.22 13.64 6.13
N LEU A 86 -5.79 12.68 5.37
CA LEU A 86 -7.21 12.29 5.55
C LEU A 86 -7.36 10.84 5.96
N ALA A 87 -6.81 9.89 5.20
CA ALA A 87 -7.09 8.48 5.45
C ALA A 87 -5.90 7.64 5.08
N LEU A 88 -5.85 6.44 5.65
CA LEU A 88 -4.76 5.51 5.44
C LEU A 88 -5.31 4.08 5.40
N VAL A 89 -4.66 3.24 4.59
CA VAL A 89 -4.90 1.80 4.55
C VAL A 89 -3.57 1.12 4.81
N ASP A 90 -3.61 -0.04 5.45
CA ASP A 90 -2.37 -0.72 5.77
C ASP A 90 -2.23 -1.99 4.94
N TYR A 91 -0.98 -2.35 4.68
CA TYR A 91 -0.62 -3.63 4.11
C TYR A 91 0.26 -4.34 5.13
N PHE A 92 -0.21 -5.45 5.67
CA PHE A 92 0.47 -6.17 6.76
C PHE A 92 0.83 -7.57 6.26
N ALA A 93 2.07 -7.79 5.87
CA ALA A 93 2.52 -9.11 5.43
C ALA A 93 3.19 -9.78 6.61
N VAL A 94 2.68 -10.96 7.02
CA VAL A 94 3.09 -11.60 8.27
C VAL A 94 3.41 -13.07 8.06
N LYS A 95 4.17 -13.64 9.02
CA LYS A 95 4.46 -15.07 8.95
C LYS A 95 3.35 -15.91 9.55
N GLU A 96 2.49 -15.29 10.36
CA GLU A 96 1.60 -16.01 11.25
C GLU A 96 0.51 -15.05 11.69
N PRO A 97 -0.74 -15.46 11.72
CA PRO A 97 -1.81 -14.58 12.22
C PRO A 97 -1.87 -14.55 13.75
N ASN A 98 -0.77 -14.11 14.35
CA ASN A 98 -0.60 -14.16 15.80
C ASN A 98 -1.48 -13.14 16.49
N GLU A 99 -2.41 -13.62 17.32
CA GLU A 99 -3.36 -12.70 17.96
C GLU A 99 -2.65 -11.70 18.87
N GLU A 100 -1.54 -12.09 19.51
CA GLU A 100 -0.85 -11.18 20.40
C GLU A 100 -0.22 -10.02 19.60
N VAL A 101 0.55 -10.37 18.56
CA VAL A 101 1.16 -9.36 17.70
C VAL A 101 0.10 -8.39 17.19
N PHE A 102 -1.03 -8.93 16.72
CA PHE A 102 -2.06 -8.09 16.10
C PHE A 102 -2.71 -7.17 17.11
N LYS A 103 -2.98 -7.69 18.31
CA LYS A 103 -3.52 -6.85 19.38
C LYS A 103 -2.59 -5.67 19.66
N GLN A 104 -1.28 -5.93 19.65
CA GLN A 104 -0.29 -4.89 19.92
C GLN A 104 -0.25 -3.88 18.79
N VAL A 105 -0.17 -4.37 17.54
CA VAL A 105 -0.17 -3.48 16.38
C VAL A 105 -1.34 -2.51 16.44
N ALA A 106 -2.53 -3.00 16.78
CA ALA A 106 -3.71 -2.14 16.72
C ALA A 106 -3.63 -1.00 17.73
N LYS A 107 -2.98 -1.19 18.88
CA LYS A 107 -2.89 -0.10 19.85
C LYS A 107 -2.16 1.10 19.26
N GLY A 108 -1.01 0.87 18.64
CA GLY A 108 -0.26 1.98 18.06
C GLY A 108 -0.92 2.56 16.83
N LEU A 109 -1.64 1.73 16.07
CA LEU A 109 -2.37 2.27 14.92
C LEU A 109 -3.39 3.30 15.36
N TYR A 110 -4.11 3.01 16.45
CA TYR A 110 -5.08 3.98 16.96
C TYR A 110 -4.40 5.25 17.46
N LYS A 111 -3.37 5.10 18.29
CA LYS A 111 -2.65 6.25 18.83
C LYS A 111 -2.10 7.14 17.73
N GLY A 112 -1.44 6.54 16.74
CA GLY A 112 -0.87 7.32 15.66
C GLY A 112 -1.92 7.98 14.79
N ALA A 113 -3.00 7.26 14.49
CA ALA A 113 -4.07 7.87 13.70
C ALA A 113 -4.65 9.07 14.42
N GLU A 114 -4.84 8.97 15.74
CA GLU A 114 -5.40 10.09 16.48
C GLU A 114 -4.44 11.27 16.46
N GLU A 115 -3.14 11.02 16.69
CA GLU A 115 -2.21 12.15 16.69
C GLU A 115 -2.08 12.77 15.31
N ALA A 116 -2.18 11.96 14.25
CA ALA A 116 -2.11 12.46 12.88
C ALA A 116 -3.44 13.02 12.38
N GLY A 117 -4.54 12.76 13.08
CA GLY A 117 -5.86 13.14 12.56
C GLY A 117 -6.26 12.44 11.29
N VAL A 118 -6.04 11.12 11.19
CA VAL A 118 -6.41 10.38 9.98
C VAL A 118 -7.30 9.22 10.37
N ALA A 119 -8.20 8.86 9.47
CA ALA A 119 -8.97 7.62 9.61
C ALA A 119 -8.18 6.48 8.99
N ILE A 120 -8.13 5.36 9.71
CA ILE A 120 -7.64 4.09 9.18
C ILE A 120 -8.87 3.38 8.61
N VAL A 121 -8.92 3.22 7.29
CA VAL A 121 -10.16 2.85 6.63
C VAL A 121 -10.13 1.46 6.05
N GLY A 122 -9.01 0.77 6.09
CA GLY A 122 -8.97 -0.54 5.49
C GLY A 122 -7.56 -1.06 5.49
N GLY A 123 -7.43 -2.29 5.01
CA GLY A 123 -6.13 -2.89 4.91
C GLY A 123 -6.20 -4.36 4.58
N GLU A 124 -5.12 -4.89 4.02
CA GLU A 124 -4.98 -6.31 3.75
C GLU A 124 -3.92 -6.91 4.66
N THR A 125 -4.22 -8.09 5.20
CA THR A 125 -3.25 -8.91 5.91
C THR A 125 -2.95 -10.15 5.07
N ALA A 126 -1.71 -10.31 4.68
CA ALA A 126 -1.30 -11.45 3.86
C ALA A 126 -0.44 -12.35 4.75
N VAL A 127 -0.95 -13.54 5.08
CA VAL A 127 -0.20 -14.52 5.85
C VAL A 127 0.61 -15.39 4.90
N MET A 128 1.92 -15.15 4.83
CA MET A 128 2.81 -15.90 3.95
C MET A 128 4.13 -16.27 4.63
N PRO A 129 4.10 -17.33 5.45
CA PRO A 129 5.32 -17.73 6.18
C PRO A 129 6.49 -18.09 5.28
N ASP A 130 6.25 -18.62 4.07
CA ASP A 130 7.37 -18.94 3.18
C ASP A 130 8.05 -17.70 2.65
N LEU A 131 7.39 -16.55 2.71
CA LEU A 131 7.93 -15.33 2.11
C LEU A 131 8.37 -14.28 3.14
N ILE A 132 7.81 -14.29 4.35
CA ILE A 132 8.04 -13.24 5.33
C ILE A 132 8.56 -13.88 6.62
N ASN A 133 9.74 -13.44 7.08
CA ASN A 133 10.32 -13.92 8.34
C ASN A 133 9.90 -13.09 9.53
N GLY A 134 8.75 -12.44 9.49
CA GLY A 134 8.37 -11.61 10.62
C GLY A 134 7.02 -10.99 10.38
N TYR A 135 6.92 -9.70 10.64
CA TYR A 135 5.68 -8.94 10.54
C TYR A 135 6.03 -7.61 9.88
N ASP A 136 5.93 -7.55 8.55
CA ASP A 136 6.25 -6.38 7.74
C ASP A 136 5.01 -5.47 7.62
N LEU A 137 5.14 -4.21 8.03
CA LEU A 137 4.01 -3.28 8.04
C LEU A 137 4.30 -2.10 7.12
N ALA A 138 3.39 -1.84 6.20
CA ALA A 138 3.46 -0.69 5.32
C ALA A 138 2.04 -0.13 5.14
N GLY A 139 1.93 0.98 4.42
CA GLY A 139 0.60 1.53 4.22
C GLY A 139 0.64 2.61 3.18
N THR A 140 -0.54 3.10 2.84
CA THR A 140 -0.71 4.17 1.86
C THR A 140 -1.65 5.20 2.45
N ALA A 141 -1.23 6.46 2.42
CA ALA A 141 -2.05 7.55 2.93
C ALA A 141 -2.49 8.45 1.80
N ILE A 142 -3.68 9.01 1.96
CA ILE A 142 -4.15 10.07 1.08
C ILE A 142 -4.46 11.31 1.89
N GLY A 143 -4.28 12.45 1.23
CA GLY A 143 -4.58 13.74 1.80
C GLY A 143 -5.02 14.67 0.69
N ILE A 144 -5.35 15.90 1.08
CA ILE A 144 -6.00 16.87 0.19
C ILE A 144 -5.24 18.20 0.24
N VAL A 145 -5.02 18.80 -0.92
CA VAL A 145 -4.42 20.13 -0.97
C VAL A 145 -5.10 20.91 -2.07
N GLU A 146 -5.49 22.15 -1.79
CA GLU A 146 -6.23 22.93 -2.77
C GLU A 146 -5.29 23.38 -3.88
N LYS A 147 -5.84 23.46 -5.10
CA LYS A 147 -5.05 23.99 -6.21
C LYS A 147 -4.51 25.37 -5.85
N GLY A 148 -3.27 25.63 -6.25
CA GLY A 148 -2.64 26.89 -5.89
C GLY A 148 -1.99 26.92 -4.54
N LYS A 149 -2.16 25.88 -3.70
CA LYS A 149 -1.46 25.81 -2.43
C LYS A 149 -0.51 24.61 -2.30
N VAL A 150 -0.15 23.98 -3.41
CA VAL A 150 0.87 22.94 -3.41
C VAL A 150 2.23 23.55 -3.08
N ILE A 151 2.93 22.96 -2.13
CA ILE A 151 4.29 23.38 -1.77
C ILE A 151 5.28 22.43 -2.44
N THR A 152 5.86 22.86 -3.56
CA THR A 152 6.71 22.00 -4.38
C THR A 152 8.19 22.15 -4.07
N GLY A 153 8.59 23.30 -3.52
CA GLY A 153 9.98 23.69 -3.44
C GLY A 153 10.39 24.65 -4.52
N GLU A 154 9.54 24.88 -5.52
CA GLU A 154 9.89 25.80 -6.60
C GLU A 154 10.07 27.22 -6.09
N ARG A 155 9.42 27.58 -4.99
CA ARG A 155 9.51 28.92 -4.42
C ARG A 155 10.75 29.13 -3.56
N ILE A 156 11.58 28.10 -3.37
CA ILE A 156 12.78 28.26 -2.57
C ILE A 156 13.75 29.18 -3.30
N ARG A 157 14.24 30.20 -2.61
CA ARG A 157 15.19 31.15 -3.17
C ARG A 157 16.41 31.27 -2.28
N PRO A 158 17.58 31.62 -2.83
CA PRO A 158 18.75 31.87 -1.98
C PRO A 158 18.43 32.94 -0.95
N GLY A 159 19.01 32.79 0.24
CA GLY A 159 18.68 33.64 1.35
C GLY A 159 17.56 33.15 2.24
N ASP A 160 16.70 32.25 1.74
CA ASP A 160 15.64 31.67 2.56
C ASP A 160 16.22 31.00 3.81
N SER A 161 15.49 31.06 4.92
CA SER A 161 15.91 30.44 6.17
C SER A 161 15.55 28.94 6.19
N VAL A 162 16.44 28.12 6.75
CA VAL A 162 16.25 26.66 6.85
C VAL A 162 16.11 26.29 8.32
N ILE A 163 14.95 25.73 8.68
CA ILE A 163 14.65 25.41 10.08
C ILE A 163 14.45 23.91 10.19
N GLY A 164 15.04 23.29 11.22
CA GLY A 164 14.85 21.87 11.50
C GLY A 164 13.98 21.63 12.73
N ILE A 165 13.18 20.57 12.66
CA ILE A 165 12.39 20.10 13.80
C ILE A 165 13.03 18.80 14.29
N SER A 166 13.34 18.74 15.59
CA SER A 166 13.93 17.54 16.17
C SER A 166 13.14 16.29 15.83
N SER A 167 13.85 15.22 15.52
CA SER A 167 13.30 13.87 15.50
C SER A 167 13.13 13.32 16.92
N SER A 168 12.29 12.29 17.05
CA SER A 168 12.18 11.57 18.31
C SER A 168 13.37 10.63 18.53
N GLY A 169 14.17 10.42 17.52
CA GLY A 169 15.22 9.44 17.57
C GLY A 169 15.51 8.93 16.18
N ILE A 170 15.81 7.63 16.09
CA ILE A 170 16.24 7.03 14.82
C ILE A 170 15.12 7.00 13.79
N HIS A 171 13.86 7.12 14.20
CA HIS A 171 12.72 7.03 13.27
C HIS A 171 12.79 5.70 12.54
N SER A 172 12.80 5.67 11.22
CA SER A 172 12.56 4.42 10.51
C SER A 172 13.51 4.23 9.33
N ASN A 173 14.65 4.91 9.32
CA ASN A 173 15.66 4.72 8.28
C ASN A 173 17.03 4.52 8.92
N GLY A 174 17.84 3.67 8.30
CA GLY A 174 19.13 3.29 8.84
C GLY A 174 19.06 2.14 9.81
N LEU A 175 17.91 1.48 9.94
CA LEU A 175 17.77 0.45 10.97
C LEU A 175 18.60 -0.78 10.65
N THR A 176 18.77 -1.12 9.38
CA THR A 176 19.56 -2.29 9.04
C THR A 176 21.02 -2.05 9.37
N LEU A 177 21.56 -0.89 8.98
CA LEU A 177 22.93 -0.55 9.38
C LEU A 177 23.06 -0.61 10.91
N ALA A 178 22.16 0.08 11.63
CA ALA A 178 22.26 0.12 13.08
C ALA A 178 22.13 -1.26 13.71
N ARG A 179 21.23 -2.09 13.19
CA ARG A 179 21.00 -3.44 13.75
C ARG A 179 22.24 -4.32 13.59
N LYS A 180 22.81 -4.34 12.39
CA LYS A 180 23.95 -5.21 12.12
C LYS A 180 25.19 -4.73 12.87
N LEU A 181 25.36 -3.41 12.98
CA LEU A 181 26.55 -2.84 13.63
C LEU A 181 26.50 -3.00 15.14
N LEU A 182 25.34 -2.78 15.77
CA LEU A 182 25.34 -2.70 17.23
C LEU A 182 24.84 -3.95 17.94
N ILE A 183 23.86 -4.68 17.40
CA ILE A 183 23.25 -5.76 18.18
C ILE A 183 24.24 -6.88 18.47
N PRO A 184 24.98 -7.42 17.50
CA PRO A 184 25.95 -8.47 17.84
C PRO A 184 27.07 -7.96 18.74
N LYS A 185 27.51 -6.72 18.56
CA LYS A 185 28.63 -6.22 19.35
C LYS A 185 28.22 -5.97 20.80
N TYR A 186 27.06 -5.35 21.03
CA TYR A 186 26.62 -4.90 22.35
C TYR A 186 25.53 -5.76 22.96
N GLY A 187 24.68 -6.36 22.15
CA GLY A 187 23.55 -7.06 22.74
C GLY A 187 22.34 -6.15 22.87
N LEU A 188 21.17 -6.76 22.74
CA LEU A 188 19.93 -5.99 22.68
C LEU A 188 19.65 -5.25 23.97
N ASP A 189 20.06 -5.81 25.10
CA ASP A 189 19.82 -5.21 26.40
C ASP A 189 20.88 -4.19 26.81
N TYR A 190 21.85 -3.90 25.94
CA TYR A 190 22.95 -2.98 26.27
C TYR A 190 22.41 -1.61 26.71
N GLU A 191 22.81 -1.16 27.88
CA GLU A 191 22.31 0.09 28.44
C GLU A 191 23.19 1.25 28.01
N TYR A 192 22.57 2.22 27.36
CA TYR A 192 23.26 3.40 26.84
C TYR A 192 22.45 4.63 27.26
N GLU A 193 23.08 5.51 28.04
CA GLU A 193 22.40 6.68 28.60
C GLU A 193 21.06 6.30 29.23
N GLY A 194 21.05 5.20 29.96
CA GLY A 194 19.89 4.86 30.73
C GLY A 194 18.77 4.19 29.97
N ARG A 195 18.97 3.85 28.70
CA ARG A 195 17.99 3.04 27.97
C ARG A 195 18.69 1.88 27.27
N LYS A 196 17.95 0.78 27.13
CA LYS A 196 18.48 -0.37 26.43
C LYS A 196 18.54 -0.13 24.92
N LEU A 197 19.50 -0.80 24.28
CA LEU A 197 19.67 -0.66 22.85
C LEU A 197 18.35 -0.88 22.09
N TRP A 198 17.55 -1.88 22.47
CA TRP A 198 16.29 -2.07 21.74
C TRP A 198 15.35 -0.87 21.91
N GLU A 199 15.40 -0.20 23.06
CA GLU A 199 14.56 0.97 23.26
C GLU A 199 14.98 2.11 22.35
N TRP A 200 16.28 2.27 22.12
CA TRP A 200 16.77 3.27 21.18
C TRP A 200 16.32 2.93 19.76
N LEU A 201 16.42 1.67 19.37
CA LEU A 201 16.10 1.26 18.00
C LEU A 201 14.60 1.21 17.73
N LEU A 202 13.79 1.05 18.75
CA LEU A 202 12.33 0.93 18.62
C LEU A 202 11.58 2.25 18.82
N GLU A 203 12.23 3.30 19.26
CA GLU A 203 11.56 4.57 19.55
C GLU A 203 10.70 5.00 18.36
N PRO A 204 9.40 5.23 18.55
CA PRO A 204 8.53 5.45 17.39
C PRO A 204 8.80 6.79 16.69
N THR A 205 8.60 6.77 15.38
CA THR A 205 8.81 7.95 14.55
C THR A 205 7.89 9.08 14.97
N ARG A 206 8.42 10.31 14.95
CA ARG A 206 7.64 11.48 15.33
C ARG A 206 6.66 11.88 14.23
N ILE A 207 5.47 12.36 14.62
CA ILE A 207 4.46 12.84 13.70
C ILE A 207 4.46 14.37 13.73
N TYR A 208 4.55 14.97 12.54
CA TYR A 208 4.70 16.41 12.40
C TYR A 208 3.46 17.14 11.89
N VAL A 209 2.29 16.47 11.90
CA VAL A 209 1.10 17.03 11.25
C VAL A 209 0.69 18.35 11.90
N ARG A 210 0.51 18.37 13.22
CA ARG A 210 0.02 19.60 13.85
C ARG A 210 0.96 20.79 13.68
N PRO A 211 2.28 20.71 13.95
CA PRO A 211 3.11 21.91 13.75
C PRO A 211 3.18 22.36 12.30
N ILE A 212 3.23 21.41 11.35
CA ILE A 212 3.35 21.81 9.94
C ILE A 212 2.03 22.41 9.44
N LEU A 213 0.89 21.84 9.84
CA LEU A 213 -0.38 22.42 9.40
C LEU A 213 -0.57 23.82 9.99
N GLU A 214 -0.12 24.02 11.23
CA GLU A 214 -0.17 25.37 11.80
C GLU A 214 0.77 26.29 11.05
N LEU A 215 1.99 25.82 10.76
CA LEU A 215 2.96 26.63 10.04
C LEU A 215 2.37 27.10 8.71
N ILE A 216 1.82 26.18 7.93
CA ILE A 216 1.43 26.60 6.59
C ILE A 216 0.23 27.52 6.62
N ASN A 217 -0.55 27.50 7.69
CA ASN A 217 -1.68 28.41 7.78
C ASN A 217 -1.30 29.79 8.30
N SER A 218 -0.07 30.01 8.71
CA SER A 218 0.32 31.28 9.29
C SER A 218 1.43 31.97 8.53
N VAL A 219 2.39 31.23 8.00
CA VAL A 219 3.51 31.84 7.34
C VAL A 219 3.59 31.29 5.92
N GLU A 220 4.23 32.06 5.07
CA GLU A 220 4.48 31.67 3.70
C GLU A 220 5.61 30.65 3.73
N VAL A 221 5.33 29.44 3.26
CA VAL A 221 6.28 28.34 3.31
C VAL A 221 6.80 28.07 1.91
N HIS A 222 8.12 27.88 1.80
CA HIS A 222 8.68 27.62 0.46
C HIS A 222 9.06 26.18 0.22
N GLY A 223 9.28 25.39 1.27
CA GLY A 223 9.68 24.00 1.10
C GLY A 223 9.48 23.25 2.39
N LEU A 224 9.22 21.95 2.26
CA LEU A 224 8.91 21.05 3.37
C LEU A 224 9.52 19.70 3.03
N ALA A 225 10.39 19.19 3.91
CA ALA A 225 11.11 17.96 3.61
C ALA A 225 11.08 17.04 4.84
N HIS A 226 10.47 15.87 4.70
CA HIS A 226 10.54 14.83 5.72
C HIS A 226 11.88 14.07 5.56
N ILE A 227 12.63 13.95 6.65
CA ILE A 227 13.96 13.38 6.59
C ILE A 227 13.84 11.86 6.74
N THR A 228 13.91 11.16 5.59
CA THR A 228 13.77 9.71 5.53
C THR A 228 15.00 9.12 4.87
N GLY A 229 14.82 8.07 4.06
CA GLY A 229 15.93 7.47 3.35
C GLY A 229 16.77 8.51 2.64
N GLY A 230 18.09 8.46 2.79
CA GLY A 230 18.93 9.49 2.20
C GLY A 230 19.24 10.66 3.10
N GLY A 231 18.60 10.75 4.27
CA GLY A 231 18.96 11.78 5.21
C GLY A 231 18.81 13.14 4.57
N LEU A 232 19.86 13.95 4.69
CA LEU A 232 19.80 15.35 4.24
C LEU A 232 19.70 15.47 2.71
N LEU A 233 20.04 14.40 1.99
CA LEU A 233 19.91 14.40 0.52
C LEU A 233 18.47 14.65 0.08
N ASN A 234 17.50 14.37 0.95
CA ASN A 234 16.12 14.67 0.63
C ASN A 234 15.90 16.14 0.30
N LEU A 235 16.76 17.03 0.83
CA LEU A 235 16.62 18.45 0.52
C LEU A 235 16.81 18.74 -0.98
N LYS A 236 17.64 17.95 -1.66
CA LYS A 236 17.89 18.15 -3.07
C LYS A 236 16.66 17.84 -3.91
N ARG A 237 15.69 17.11 -3.35
CA ARG A 237 14.44 16.88 -4.07
C ARG A 237 13.62 18.15 -4.18
N LEU A 238 13.90 19.17 -3.37
CA LEU A 238 13.06 20.34 -3.37
C LEU A 238 13.57 21.43 -4.28
N THR A 239 14.87 21.51 -4.53
CA THR A 239 15.43 22.67 -5.20
C THR A 239 16.81 22.33 -5.72
N ASN A 240 17.25 23.09 -6.72
CA ASN A 240 18.61 23.00 -7.22
C ASN A 240 19.58 23.90 -6.45
N TYR A 241 19.05 24.86 -5.69
CA TYR A 241 19.89 25.73 -4.89
C TYR A 241 20.59 24.93 -3.77
N GLY A 242 21.66 25.52 -3.25
CA GLY A 242 22.44 24.86 -2.22
C GLY A 242 21.95 25.20 -0.84
N PHE A 243 22.53 24.52 0.14
CA PHE A 243 22.22 24.75 1.53
C PHE A 243 23.51 24.90 2.30
N GLU A 244 23.47 25.78 3.30
CA GLU A 244 24.53 25.91 4.30
C GLU A 244 23.88 25.69 5.66
N LEU A 245 24.30 24.64 6.37
CA LEU A 245 23.62 24.21 7.58
C LEU A 245 24.60 24.04 8.73
N GLU A 246 24.11 24.28 9.93
CA GLU A 246 24.78 23.84 11.16
C GLU A 246 23.85 22.82 11.79
N MET A 247 24.27 21.53 11.79
CA MET A 247 23.39 20.51 12.35
C MET A 247 23.60 20.37 13.86
N PRO A 248 22.60 19.87 14.58
CA PRO A 248 22.70 19.82 16.03
C PRO A 248 23.75 18.83 16.50
N PRO A 249 24.08 18.86 17.79
CA PRO A 249 25.08 17.93 18.31
C PRO A 249 24.65 16.49 18.06
N ILE A 250 25.65 15.64 17.80
CA ILE A 250 25.42 14.21 17.58
C ILE A 250 25.25 13.54 18.93
N GLU A 251 24.05 13.02 19.22
CA GLU A 251 23.76 12.49 20.55
C GLU A 251 22.96 11.20 20.43
N GLY A 252 22.76 10.56 21.57
CA GLY A 252 21.90 9.38 21.62
C GLY A 252 22.45 8.25 20.78
N ILE A 253 21.56 7.57 20.06
CA ILE A 253 21.98 6.40 19.28
C ILE A 253 22.89 6.83 18.13
N PHE A 254 22.71 8.04 17.61
CA PHE A 254 23.56 8.46 16.51
C PHE A 254 25.02 8.57 16.95
N LYS A 255 25.26 8.94 18.22
CA LYS A 255 26.62 8.99 18.76
C LYS A 255 27.21 7.60 18.92
N LEU A 256 26.43 6.66 19.46
CA LEU A 256 26.89 5.27 19.56
C LEU A 256 27.28 4.71 18.19
N ILE A 257 26.42 4.92 17.18
CA ILE A 257 26.75 4.48 15.83
C ILE A 257 28.03 5.16 15.35
N HIS A 258 28.14 6.47 15.55
CA HIS A 258 29.31 7.20 15.10
C HIS A 258 30.56 6.68 15.80
N GLU A 259 30.46 6.39 17.08
CA GLU A 259 31.62 5.89 17.78
C GLU A 259 31.93 4.45 17.39
N ASN A 260 31.11 3.83 16.54
CA ASN A 260 31.42 2.50 16.05
C ASN A 260 31.86 2.50 14.60
N GLY A 261 32.38 3.62 14.11
CA GLY A 261 33.15 3.61 12.89
C GLY A 261 32.45 4.08 11.64
N VAL A 262 31.19 4.47 11.71
CA VAL A 262 30.50 4.91 10.49
C VAL A 262 30.94 6.33 10.17
N PRO A 263 31.36 6.61 8.93
CA PRO A 263 31.82 7.96 8.63
C PRO A 263 30.70 8.97 8.64
N LEU A 264 31.05 10.20 8.99
CA LEU A 264 30.08 11.24 9.23
C LEU A 264 29.33 11.62 7.96
N ASP A 265 30.00 11.62 6.80
CA ASP A 265 29.28 11.96 5.58
C ASP A 265 28.23 10.89 5.26
N GLU A 266 28.55 9.61 5.47
CA GLU A 266 27.55 8.56 5.30
C GLU A 266 26.42 8.68 6.32
N MET A 267 26.73 8.98 7.58
CA MET A 267 25.66 9.12 8.59
C MET A 267 24.66 10.20 8.19
N PHE A 268 25.13 11.35 7.71
CA PHE A 268 24.20 12.41 7.32
C PHE A 268 23.39 12.06 6.08
N ARG A 269 23.80 11.02 5.32
CA ARG A 269 23.03 10.50 4.20
C ARG A 269 22.12 9.34 4.57
N VAL A 270 22.23 8.80 5.79
CA VAL A 270 21.49 7.60 6.17
C VAL A 270 20.53 7.89 7.31
N PHE A 271 21.01 8.57 8.35
CA PHE A 271 20.25 8.81 9.56
C PHE A 271 19.76 10.26 9.60
N ASN A 272 18.70 10.50 10.38
CA ASN A 272 18.19 11.87 10.46
C ASN A 272 19.04 12.72 11.39
N MET A 273 19.84 12.07 12.24
CA MET A 273 20.94 12.72 12.94
C MET A 273 20.38 13.75 13.91
N GLY A 274 19.11 13.58 14.31
CA GLY A 274 18.45 14.45 15.26
C GLY A 274 17.43 15.40 14.66
N VAL A 275 17.33 15.47 13.34
CA VAL A 275 16.43 16.40 12.64
C VAL A 275 15.49 15.56 11.78
N GLY A 276 14.21 15.55 12.12
CA GLY A 276 13.29 14.68 11.41
C GLY A 276 12.52 15.34 10.31
N PHE A 277 12.54 16.68 10.27
CA PHE A 277 11.73 17.44 9.33
C PHE A 277 12.35 18.81 9.16
N ILE A 278 12.41 19.31 7.93
CA ILE A 278 13.06 20.59 7.65
C ILE A 278 12.10 21.48 6.88
N VAL A 279 12.01 22.75 7.26
CA VAL A 279 11.16 23.69 6.54
C VAL A 279 12.03 24.83 6.02
N VAL A 280 11.60 25.42 4.91
CA VAL A 280 12.32 26.52 4.26
C VAL A 280 11.31 27.66 4.10
N VAL A 281 11.63 28.82 4.67
CA VAL A 281 10.72 29.96 4.74
C VAL A 281 11.50 31.22 4.40
N PRO A 282 10.82 32.28 3.96
CA PRO A 282 11.53 33.56 3.78
C PRO A 282 12.24 33.95 5.07
N GLN A 283 13.43 34.55 4.91
CA GLN A 283 14.24 34.93 6.07
C GLN A 283 13.47 35.84 7.02
N GLU A 284 12.61 36.71 6.49
CA GLU A 284 11.83 37.57 7.37
C GLU A 284 10.79 36.81 8.19
N GLU A 285 10.45 35.58 7.81
CA GLU A 285 9.49 34.78 8.57
C GLU A 285 10.16 33.82 9.56
N LYS A 286 11.48 33.90 9.71
CA LYS A 286 12.24 32.90 10.47
C LYS A 286 11.80 32.83 11.94
N GLU A 287 11.69 33.99 12.61
CA GLU A 287 11.32 34.01 14.04
C GLU A 287 9.90 33.53 14.24
N GLU A 288 8.99 33.91 13.36
CA GLU A 288 7.64 33.45 13.55
C GLU A 288 7.53 31.95 13.35
N ALA A 289 8.25 31.42 12.37
CA ALA A 289 8.18 29.99 12.09
C ALA A 289 8.75 29.20 13.25
N LEU A 290 9.87 29.66 13.79
CA LEU A 290 10.45 28.97 14.92
C LEU A 290 9.50 28.95 16.11
N GLU A 291 8.78 30.05 16.33
CA GLU A 291 7.86 30.11 17.45
C GLU A 291 6.70 29.14 17.26
N ILE A 292 6.18 29.04 16.04
CA ILE A 292 5.09 28.08 15.79
C ILE A 292 5.57 26.65 16.01
N LEU A 293 6.72 26.31 15.41
CA LEU A 293 7.18 24.92 15.49
C LEU A 293 7.60 24.58 16.92
N SER A 294 8.24 25.53 17.61
CA SER A 294 8.74 25.30 18.97
C SER A 294 7.64 25.15 20.00
N ARG A 295 6.40 25.51 19.68
CA ARG A 295 5.28 25.13 20.52
C ARG A 295 5.19 23.62 20.67
N HIS A 296 5.53 22.88 19.62
CA HIS A 296 5.24 21.45 19.52
C HIS A 296 6.46 20.58 19.74
N TYR A 297 7.61 21.01 19.22
CA TYR A 297 8.82 20.24 19.40
C TYR A 297 10.00 21.17 19.40
N LYS A 298 11.06 20.72 20.06
CA LYS A 298 12.30 21.45 19.98
C LYS A 298 12.70 21.61 18.52
N SER A 299 13.01 22.85 18.13
CA SER A 299 13.31 23.20 16.75
C SER A 299 14.54 24.08 16.68
N TYR A 300 15.17 24.13 15.50
CA TYR A 300 16.50 24.68 15.30
C TYR A 300 16.53 25.58 14.08
N GLU A 301 17.14 26.76 14.20
CA GLU A 301 17.59 27.45 12.98
C GLU A 301 18.83 26.75 12.43
N LEU A 302 18.69 26.09 11.28
CA LEU A 302 19.80 25.33 10.71
C LEU A 302 20.70 26.15 9.81
N GLY A 303 20.14 27.06 9.03
CA GLY A 303 20.98 27.84 8.14
C GLY A 303 20.16 28.50 7.05
N ASN A 304 20.70 28.52 5.83
CA ASN A 304 20.14 29.31 4.74
C ASN A 304 20.37 28.60 3.41
N VAL A 305 19.46 28.88 2.47
CA VAL A 305 19.63 28.50 1.08
C VAL A 305 20.71 29.39 0.47
N THR A 306 21.53 28.80 -0.40
CA THR A 306 22.68 29.46 -1.02
C THR A 306 22.59 29.38 -2.53
N ARG A 307 23.55 30.01 -3.20
CA ARG A 307 23.67 29.95 -4.66
C ARG A 307 24.65 28.89 -5.12
N GLU A 308 25.21 28.10 -4.20
CA GLU A 308 26.08 26.97 -4.54
C GLU A 308 25.22 25.79 -4.95
N LEU A 309 24.82 25.79 -6.21
CA LEU A 309 23.82 24.84 -6.69
C LEU A 309 24.20 23.41 -6.35
N GLY A 310 23.24 22.68 -5.81
CA GLY A 310 23.32 21.24 -5.63
C GLY A 310 24.16 20.78 -4.46
N LYS A 311 24.74 21.68 -3.69
CA LYS A 311 25.61 21.30 -2.57
C LYS A 311 24.87 21.50 -1.25
N ILE A 312 25.10 20.58 -0.31
CA ILE A 312 24.63 20.75 1.04
C ILE A 312 25.86 20.77 1.93
N LYS A 313 26.15 21.93 2.52
CA LYS A 313 27.35 22.14 3.34
C LYS A 313 26.96 22.08 4.81
N VAL A 314 27.37 21.03 5.51
CA VAL A 314 27.19 20.97 6.96
C VAL A 314 28.46 21.59 7.54
N LYS A 315 28.42 22.92 7.72
CA LYS A 315 29.64 23.67 7.99
C LYS A 315 30.26 23.26 9.33
N ASN A 316 29.44 23.06 10.36
CA ASN A 316 30.02 22.75 11.67
C ASN A 316 30.54 21.32 11.80
N TYR A 317 30.43 20.50 10.76
CA TYR A 317 31.02 19.17 10.78
C TYR A 317 31.99 18.98 9.62
N GLY A 318 32.25 20.02 8.83
CA GLY A 318 33.16 19.87 7.69
C GLY A 318 32.73 18.84 6.67
N ILE A 319 31.44 18.74 6.42
CA ILE A 319 30.87 17.74 5.51
C ILE A 319 30.16 18.49 4.38
N THR A 320 30.38 18.06 3.15
CA THR A 320 29.58 18.54 2.02
C THR A 320 28.92 17.36 1.33
N LEU A 321 27.61 17.44 1.13
N LEU A 321 27.61 17.43 1.14
CA LEU A 321 26.87 16.37 0.47
CA LEU A 321 26.87 16.39 0.44
C LEU A 321 26.41 16.79 -0.92
C LEU A 321 26.45 16.91 -0.93
N THR B 1 -6.65 -15.87 11.72
CA THR B 1 -6.35 -14.66 10.94
C THR B 1 -7.42 -13.58 11.09
N ALA B 2 -8.70 -13.98 10.94
CA ALA B 2 -9.77 -13.02 11.19
C ALA B 2 -9.95 -12.74 12.68
N ARG B 3 -9.67 -13.73 13.53
CA ARG B 3 -9.73 -13.51 14.98
C ARG B 3 -8.57 -12.66 15.47
N ALA B 4 -7.38 -12.82 14.86
CA ALA B 4 -6.29 -11.92 15.18
C ALA B 4 -6.54 -10.51 14.65
N LEU B 5 -7.19 -10.41 13.48
CA LEU B 5 -7.48 -9.10 12.90
C LEU B 5 -8.62 -8.36 13.59
N ARG B 6 -9.30 -9.02 14.54
CA ARG B 6 -10.39 -8.39 15.28
C ARG B 6 -9.99 -7.02 15.81
N GLU B 7 -8.89 -6.97 16.57
CA GLU B 7 -8.50 -5.72 17.23
C GLU B 7 -8.09 -4.66 16.21
N ILE B 8 -7.41 -5.07 15.13
CA ILE B 8 -7.05 -4.10 14.09
C ILE B 8 -8.31 -3.49 13.48
N ILE B 9 -9.31 -4.33 13.18
CA ILE B 9 -10.54 -3.83 12.56
C ILE B 9 -11.34 -3.00 13.57
N ARG B 10 -11.37 -3.42 14.84
CA ARG B 10 -12.14 -2.69 15.84
C ARG B 10 -11.56 -1.30 16.10
N THR B 11 -10.24 -1.21 16.35
CA THR B 11 -9.66 0.09 16.66
C THR B 11 -9.61 1.00 15.44
N ALA B 12 -9.48 0.42 14.23
CA ALA B 12 -9.57 1.22 13.02
C ALA B 12 -10.95 1.82 12.86
N ARG B 13 -11.98 1.13 13.36
CA ARG B 13 -13.33 1.69 13.35
C ARG B 13 -13.46 2.85 14.33
N GLU B 14 -12.69 2.82 15.42
CA GLU B 14 -12.67 3.95 16.35
C GLU B 14 -12.05 5.19 15.74
N THR B 15 -11.17 5.03 14.74
CA THR B 15 -10.57 6.20 14.11
C THR B 15 -11.51 6.86 13.11
N PHE B 16 -12.64 6.21 12.79
CA PHE B 16 -13.51 6.74 11.74
C PHE B 16 -14.01 8.13 12.11
N LYS B 17 -14.39 8.31 13.38
CA LYS B 17 -14.87 9.58 13.92
C LYS B 17 -13.84 10.70 13.80
N LEU B 18 -12.57 10.40 13.47
CA LEU B 18 -11.56 11.44 13.34
C LEU B 18 -11.76 12.27 12.08
N ARG B 19 -12.57 11.80 11.13
CA ARG B 19 -12.86 12.55 9.92
C ARG B 19 -14.34 12.87 9.78
N LYS B 20 -15.15 12.57 10.79
CA LYS B 20 -16.59 12.77 10.71
C LYS B 20 -16.91 14.25 10.46
N GLY B 21 -17.87 14.49 9.56
CA GLY B 21 -18.26 15.83 9.16
C GLY B 21 -17.30 16.54 8.23
N LYS B 22 -16.15 15.93 7.94
CA LYS B 22 -15.12 16.53 7.11
C LYS B 22 -15.02 15.77 5.79
N VAL B 23 -14.43 16.42 4.78
CA VAL B 23 -14.07 15.68 3.58
C VAL B 23 -13.18 14.52 4.00
N GLY B 24 -13.28 13.40 3.29
CA GLY B 24 -12.56 12.20 3.67
C GLY B 24 -13.24 11.38 4.75
N GLU B 25 -14.43 11.77 5.20
CA GLU B 25 -15.17 10.94 6.15
C GLU B 25 -15.61 9.66 5.44
N PRO B 26 -15.38 8.48 6.02
CA PRO B 26 -15.62 7.24 5.27
C PRO B 26 -17.09 6.83 5.31
N GLY B 27 -17.69 6.70 4.12
CA GLY B 27 -19.10 6.36 4.03
C GLY B 27 -19.43 5.04 4.69
N ASP B 28 -18.43 4.16 4.81
CA ASP B 28 -18.51 2.97 5.66
C ASP B 28 -19.59 2.00 5.17
N ILE B 29 -19.82 1.97 3.85
CA ILE B 29 -20.75 1.06 3.22
C ILE B 29 -19.99 0.16 2.26
N GLY B 30 -20.35 -1.13 2.22
CA GLY B 30 -19.73 -2.06 1.30
C GLY B 30 -18.56 -2.80 1.89
N HIS B 31 -17.80 -3.44 0.99
CA HIS B 31 -16.60 -4.18 1.32
C HIS B 31 -15.76 -4.24 0.04
N TYR B 32 -14.64 -4.97 0.10
CA TYR B 32 -13.65 -4.97 -0.98
C TYR B 32 -12.88 -3.66 -1.12
N ALA B 33 -13.50 -2.52 -0.79
CA ALA B 33 -12.86 -1.21 -0.89
C ALA B 33 -13.47 -0.29 0.14
N ALA B 34 -12.65 0.61 0.67
CA ALA B 34 -13.12 1.65 1.55
C ALA B 34 -13.71 2.77 0.71
N LEU B 35 -14.73 3.44 1.25
CA LEU B 35 -15.40 4.52 0.55
C LEU B 35 -15.23 5.80 1.37
N LEU B 36 -14.62 6.81 0.78
CA LEU B 36 -14.47 8.11 1.44
C LEU B 36 -15.36 9.14 0.77
N ASP B 37 -16.18 9.81 1.58
CA ASP B 37 -17.19 10.77 1.14
C ASP B 37 -16.52 12.10 0.76
N PHE B 38 -16.51 12.41 -0.53
CA PHE B 38 -16.04 13.70 -1.02
C PHE B 38 -17.20 14.58 -1.52
N GLY B 39 -18.42 14.32 -1.05
CA GLY B 39 -19.56 15.15 -1.40
C GLY B 39 -20.38 14.60 -2.55
N ASN B 40 -20.05 14.94 -3.79
CA ASN B 40 -20.82 14.42 -4.90
C ASN B 40 -20.39 13.02 -5.32
N PHE B 41 -19.32 12.51 -4.72
CA PHE B 41 -18.74 11.25 -5.14
C PHE B 41 -18.01 10.63 -3.97
N TYR B 42 -17.76 9.33 -4.09
CA TYR B 42 -16.95 8.61 -3.12
C TYR B 42 -15.60 8.32 -3.77
N LEU B 43 -14.52 8.43 -3.00
CA LEU B 43 -13.25 7.87 -3.44
C LEU B 43 -13.15 6.48 -2.84
N ALA B 44 -12.86 5.50 -3.70
CA ALA B 44 -12.73 4.12 -3.27
C ALA B 44 -11.24 3.76 -3.13
N MET B 45 -10.89 3.05 -2.07
CA MET B 45 -9.51 2.71 -1.77
C MET B 45 -9.39 1.24 -1.37
N THR B 46 -8.48 0.53 -2.01
CA THR B 46 -8.25 -0.86 -1.68
C THR B 46 -6.75 -1.16 -1.62
N THR B 47 -6.40 -2.26 -0.94
CA THR B 47 -5.02 -2.73 -0.91
C THR B 47 -5.01 -4.22 -1.17
N ASP B 48 -4.09 -4.68 -2.02
CA ASP B 48 -3.99 -6.10 -2.34
C ASP B 48 -2.60 -6.40 -2.86
N GLY B 49 -2.21 -7.68 -2.77
CA GLY B 49 -0.90 -8.12 -3.22
C GLY B 49 -0.98 -9.37 -4.07
N VAL B 50 0.19 -9.72 -4.62
CA VAL B 50 0.33 -10.91 -5.46
C VAL B 50 0.31 -12.18 -4.62
N GLY B 51 0.95 -12.16 -3.46
CA GLY B 51 1.03 -13.35 -2.63
C GLY B 51 2.20 -14.25 -3.03
N THR B 52 2.23 -15.49 -2.49
CA THR B 52 3.37 -16.39 -2.68
C THR B 52 3.52 -16.90 -4.12
N LYS B 53 2.62 -16.51 -5.03
CA LYS B 53 2.89 -16.66 -6.47
C LYS B 53 4.28 -16.16 -6.84
N VAL B 54 4.80 -15.14 -6.13
CA VAL B 54 6.13 -14.61 -6.49
C VAL B 54 7.23 -15.64 -6.24
N LEU B 55 7.03 -16.59 -5.32
CA LEU B 55 8.03 -17.63 -5.08
C LEU B 55 8.17 -18.54 -6.29
N VAL B 56 7.09 -18.78 -7.04
CA VAL B 56 7.18 -19.51 -8.30
C VAL B 56 7.92 -18.68 -9.34
N ALA B 57 7.54 -17.41 -9.48
CA ALA B 57 8.19 -16.52 -10.43
C ALA B 57 9.71 -16.46 -10.19
N GLU B 58 10.13 -16.44 -8.93
CA GLU B 58 11.58 -16.42 -8.67
C GLU B 58 12.21 -17.78 -8.97
N ALA B 59 11.53 -18.87 -8.64
CA ALA B 59 12.09 -20.20 -8.88
C ALA B 59 12.45 -20.39 -10.36
N VAL B 60 11.60 -19.92 -11.28
CA VAL B 60 11.87 -20.14 -12.71
C VAL B 60 12.38 -18.90 -13.39
N GLY B 61 12.52 -17.79 -12.67
CA GLY B 61 13.05 -16.58 -13.27
C GLY B 61 12.12 -15.82 -14.20
N LYS B 62 10.80 -15.91 -14.00
CA LYS B 62 9.85 -15.22 -14.87
C LYS B 62 9.06 -14.21 -14.03
N PHE B 63 9.41 -12.93 -14.16
CA PHE B 63 8.85 -11.87 -13.35
C PHE B 63 8.02 -10.89 -14.17
N ASP B 64 7.90 -11.08 -15.48
CA ASP B 64 7.27 -10.02 -16.28
C ASP B 64 5.74 -10.11 -16.30
N THR B 65 5.12 -10.94 -15.46
CA THR B 65 3.68 -10.89 -15.32
C THR B 65 3.17 -10.64 -13.91
N ILE B 66 4.02 -10.70 -12.87
CA ILE B 66 3.47 -10.52 -11.53
C ILE B 66 2.97 -9.09 -11.35
N GLY B 67 3.50 -8.13 -12.11
CA GLY B 67 2.95 -6.80 -12.08
C GLY B 67 1.51 -6.75 -12.57
N ILE B 68 1.16 -7.62 -13.53
CA ILE B 68 -0.23 -7.74 -13.96
C ILE B 68 -1.11 -8.25 -12.83
N ASP B 69 -0.62 -9.27 -12.10
CA ASP B 69 -1.37 -9.78 -10.96
C ASP B 69 -1.67 -8.68 -9.95
N MET B 70 -0.68 -7.86 -9.63
CA MET B 70 -0.91 -6.90 -8.55
C MET B 70 -1.87 -5.81 -8.99
N ILE B 71 -1.77 -5.36 -10.23
CA ILE B 71 -2.75 -4.39 -10.70
C ILE B 71 -4.13 -5.03 -10.78
N ALA B 72 -4.22 -6.25 -11.31
CA ALA B 72 -5.51 -6.93 -11.45
C ALA B 72 -6.18 -7.12 -10.10
N MET B 73 -5.44 -7.62 -9.10
CA MET B 73 -6.02 -7.81 -7.77
C MET B 73 -6.63 -6.52 -7.23
N ASN B 74 -5.94 -5.38 -7.38
CA ASN B 74 -6.44 -4.15 -6.80
C ASN B 74 -7.62 -3.57 -7.60
N VAL B 75 -7.52 -3.48 -8.93
CA VAL B 75 -8.59 -2.83 -9.68
C VAL B 75 -9.83 -3.70 -9.70
N ASN B 76 -9.68 -5.04 -9.71
CA ASN B 76 -10.85 -5.90 -9.63
C ASN B 76 -11.59 -5.71 -8.31
N ASP B 77 -10.85 -5.55 -7.20
CA ASP B 77 -11.49 -5.20 -5.93
C ASP B 77 -12.24 -3.88 -6.02
N LEU B 78 -11.63 -2.85 -6.63
CA LEU B 78 -12.29 -1.55 -6.72
C LEU B 78 -13.62 -1.65 -7.46
N LEU B 79 -13.71 -2.53 -8.44
CA LEU B 79 -14.98 -2.67 -9.18
C LEU B 79 -16.11 -3.15 -8.27
N CYS B 80 -15.79 -3.77 -7.14
CA CYS B 80 -16.85 -4.38 -6.35
C CYS B 80 -17.55 -3.41 -5.42
N VAL B 81 -17.29 -2.11 -5.53
CA VAL B 81 -18.20 -1.09 -5.01
C VAL B 81 -18.78 -0.26 -6.14
N GLY B 82 -18.55 -0.67 -7.38
CA GLY B 82 -19.02 0.07 -8.54
C GLY B 82 -18.11 1.19 -9.00
N ALA B 83 -16.85 1.23 -8.53
CA ALA B 83 -15.98 2.36 -8.80
C ALA B 83 -15.20 2.16 -10.08
N GLU B 84 -14.85 3.27 -10.72
CA GLU B 84 -13.97 3.25 -11.87
C GLU B 84 -12.53 3.44 -11.40
N PRO B 85 -11.62 2.51 -11.68
CA PRO B 85 -10.23 2.65 -11.20
C PRO B 85 -9.53 3.86 -11.83
N LEU B 86 -8.72 4.57 -11.03
CA LEU B 86 -8.01 5.75 -11.51
C LEU B 86 -6.50 5.66 -11.40
N ALA B 87 -5.97 5.25 -10.25
CA ALA B 87 -4.55 5.39 -9.96
C ALA B 87 -4.13 4.32 -8.95
N LEU B 88 -2.83 4.02 -8.93
CA LEU B 88 -2.31 2.94 -8.11
C LEU B 88 -0.89 3.28 -7.67
N VAL B 89 -0.53 2.85 -6.45
CA VAL B 89 0.86 2.88 -6.01
C VAL B 89 1.27 1.46 -5.67
N ASP B 90 2.56 1.14 -5.83
CA ASP B 90 3.04 -0.18 -5.51
C ASP B 90 3.88 -0.19 -4.24
N TYR B 91 3.88 -1.32 -3.56
CA TYR B 91 4.81 -1.61 -2.46
C TYR B 91 5.62 -2.85 -2.81
N PHE B 92 6.93 -2.68 -2.94
CA PHE B 92 7.82 -3.74 -3.44
C PHE B 92 8.86 -4.04 -2.36
N ALA B 93 8.64 -5.08 -1.56
CA ALA B 93 9.58 -5.45 -0.50
C ALA B 93 10.40 -6.63 -1.01
N VAL B 94 11.72 -6.46 -1.08
CA VAL B 94 12.58 -7.38 -1.84
C VAL B 94 13.76 -7.84 -1.00
N LYS B 95 14.28 -9.03 -1.35
CA LYS B 95 15.49 -9.53 -0.70
C LYS B 95 16.71 -8.76 -1.16
N GLU B 96 16.69 -8.24 -2.39
CA GLU B 96 17.87 -7.58 -2.93
C GLU B 96 17.43 -6.74 -4.12
N PRO B 97 18.23 -5.74 -4.52
CA PRO B 97 17.83 -4.92 -5.69
C PRO B 97 18.37 -5.45 -7.02
N ASN B 98 17.92 -6.65 -7.40
CA ASN B 98 18.29 -7.24 -8.68
C ASN B 98 17.73 -6.43 -9.85
N GLU B 99 18.62 -5.81 -10.63
CA GLU B 99 18.18 -4.99 -11.77
C GLU B 99 17.38 -5.79 -12.81
N GLU B 100 17.77 -7.04 -13.07
CA GLU B 100 17.03 -7.81 -14.06
C GLU B 100 15.60 -8.04 -13.60
N VAL B 101 15.44 -8.38 -12.31
CA VAL B 101 14.11 -8.67 -11.77
C VAL B 101 13.24 -7.43 -11.89
N PHE B 102 13.75 -6.26 -11.47
CA PHE B 102 13.01 -5.01 -11.53
C PHE B 102 12.64 -4.62 -12.96
N LYS B 103 13.50 -4.93 -13.92
CA LYS B 103 13.23 -4.58 -15.31
C LYS B 103 12.06 -5.37 -15.86
N GLN B 104 11.96 -6.65 -15.52
CA GLN B 104 10.84 -7.45 -16.00
C GLN B 104 9.55 -7.10 -15.25
N VAL B 105 9.65 -6.90 -13.94
CA VAL B 105 8.48 -6.50 -13.16
C VAL B 105 7.82 -5.29 -13.79
N ALA B 106 8.64 -4.34 -14.29
CA ALA B 106 8.11 -3.13 -14.92
C ALA B 106 7.34 -3.41 -16.21
N LYS B 107 7.72 -4.46 -16.96
CA LYS B 107 6.94 -4.84 -18.14
C LYS B 107 5.51 -5.19 -17.77
N GLY B 108 5.33 -6.08 -16.78
CA GLY B 108 3.99 -6.46 -16.36
C GLY B 108 3.21 -5.27 -15.83
N LEU B 109 3.89 -4.37 -15.12
CA LEU B 109 3.22 -3.18 -14.58
C LEU B 109 2.58 -2.35 -15.68
N TYR B 110 3.31 -2.12 -16.78
CA TYR B 110 2.75 -1.31 -17.85
C TYR B 110 1.59 -2.01 -18.53
N LYS B 111 1.77 -3.28 -18.87
CA LYS B 111 0.69 -4.04 -19.52
C LYS B 111 -0.57 -4.04 -18.66
N GLY B 112 -0.45 -4.42 -17.39
CA GLY B 112 -1.59 -4.37 -16.49
C GLY B 112 -2.22 -3.00 -16.41
N ALA B 113 -1.39 -1.94 -16.33
CA ALA B 113 -1.92 -0.58 -16.20
C ALA B 113 -2.72 -0.18 -17.42
N GLU B 114 -2.20 -0.49 -18.61
CA GLU B 114 -2.88 -0.13 -19.85
C GLU B 114 -4.23 -0.83 -19.96
N GLU B 115 -4.26 -2.15 -19.70
CA GLU B 115 -5.53 -2.87 -19.75
C GLU B 115 -6.50 -2.42 -18.67
N ALA B 116 -6.02 -2.00 -17.50
CA ALA B 116 -6.93 -1.58 -16.44
C ALA B 116 -7.34 -0.13 -16.57
N GLY B 117 -6.68 0.66 -17.41
CA GLY B 117 -6.96 2.09 -17.50
C GLY B 117 -6.54 2.95 -16.31
N VAL B 118 -5.44 2.61 -15.62
CA VAL B 118 -4.98 3.33 -14.44
C VAL B 118 -3.54 3.81 -14.59
N ALA B 119 -3.24 4.95 -14.00
CA ALA B 119 -1.89 5.47 -13.92
C ALA B 119 -1.21 4.89 -12.69
N ILE B 120 0.02 4.41 -12.86
CA ILE B 120 0.89 4.12 -11.73
C ILE B 120 1.60 5.40 -11.33
N VAL B 121 1.32 5.91 -10.13
CA VAL B 121 1.71 7.26 -9.77
C VAL B 121 2.84 7.31 -8.76
N GLY B 122 3.32 6.18 -8.28
CA GLY B 122 4.34 6.18 -7.25
C GLY B 122 4.43 4.82 -6.59
N GLY B 123 5.27 4.74 -5.58
CA GLY B 123 5.46 3.48 -4.87
C GLY B 123 6.70 3.54 -3.99
N GLU B 124 6.88 2.47 -3.20
CA GLU B 124 8.03 2.33 -2.32
C GLU B 124 8.72 0.99 -2.57
N THR B 125 10.05 0.99 -2.54
CA THR B 125 10.86 -0.22 -2.64
C THR B 125 11.71 -0.34 -1.39
N ALA B 126 11.52 -1.42 -0.65
CA ALA B 126 12.29 -1.68 0.57
C ALA B 126 13.14 -2.95 0.37
N VAL B 127 14.47 -2.80 0.44
CA VAL B 127 15.40 -3.92 0.41
C VAL B 127 15.58 -4.39 1.86
N MET B 128 15.15 -5.61 2.15
CA MET B 128 14.93 -6.13 3.49
C MET B 128 15.21 -7.63 3.53
N PRO B 129 16.43 -8.09 3.19
CA PRO B 129 16.69 -9.54 3.19
C PRO B 129 16.50 -10.24 4.53
N ASP B 130 16.60 -9.54 5.66
CA ASP B 130 16.25 -10.23 6.91
C ASP B 130 14.76 -10.51 7.02
N LEU B 131 13.93 -9.78 6.28
CA LEU B 131 12.48 -9.87 6.41
C LEU B 131 11.82 -10.64 5.27
N ILE B 132 12.34 -10.53 4.05
CA ILE B 132 11.68 -11.03 2.84
C ILE B 132 12.53 -12.11 2.21
N ASN B 133 11.92 -13.26 1.95
CA ASN B 133 12.58 -14.36 1.24
C ASN B 133 12.22 -14.35 -0.23
N GLY B 134 12.20 -13.19 -0.86
CA GLY B 134 11.86 -13.10 -2.26
C GLY B 134 11.53 -11.69 -2.66
N TYR B 135 10.52 -11.53 -3.53
CA TYR B 135 10.13 -10.24 -4.11
C TYR B 135 8.63 -10.06 -3.90
N ASP B 136 8.26 -9.53 -2.75
CA ASP B 136 6.86 -9.29 -2.40
C ASP B 136 6.34 -8.05 -3.13
N LEU B 137 5.32 -8.22 -3.97
CA LEU B 137 4.73 -7.10 -4.68
C LEU B 137 3.27 -6.92 -4.27
N ALA B 138 2.92 -5.71 -3.82
CA ALA B 138 1.55 -5.40 -3.47
C ALA B 138 1.30 -3.97 -3.89
N GLY B 139 0.11 -3.44 -3.59
CA GLY B 139 -0.21 -2.11 -4.05
C GLY B 139 -1.53 -1.63 -3.49
N THR B 140 -1.79 -0.35 -3.71
CA THR B 140 -3.03 0.31 -3.29
C THR B 140 -3.57 1.07 -4.48
N ALA B 141 -4.87 0.92 -4.72
CA ALA B 141 -5.49 1.58 -5.85
C ALA B 141 -6.58 2.51 -5.35
N ILE B 142 -6.86 3.57 -6.12
CA ILE B 142 -8.05 4.36 -5.84
C ILE B 142 -8.92 4.48 -7.08
N GLY B 143 -10.22 4.59 -6.84
CA GLY B 143 -11.21 4.74 -7.88
C GLY B 143 -12.27 5.73 -7.43
N ILE B 144 -13.21 6.00 -8.33
CA ILE B 144 -14.25 6.98 -8.07
C ILE B 144 -15.60 6.37 -8.38
N VAL B 145 -16.59 6.66 -7.53
CA VAL B 145 -17.98 6.26 -7.76
C VAL B 145 -18.89 7.38 -7.27
N GLU B 146 -19.76 7.85 -8.15
CA GLU B 146 -20.73 8.88 -7.79
C GLU B 146 -21.68 8.37 -6.71
N LYS B 147 -22.10 9.26 -5.81
CA LYS B 147 -23.03 8.80 -4.77
C LYS B 147 -24.36 8.39 -5.39
N GLY B 148 -25.03 7.45 -4.73
CA GLY B 148 -26.21 6.84 -5.28
C GLY B 148 -25.92 5.80 -6.33
N LYS B 149 -24.67 5.66 -6.77
CA LYS B 149 -24.28 4.63 -7.71
C LYS B 149 -23.37 3.58 -7.08
N VAL B 150 -23.23 3.61 -5.76
CA VAL B 150 -22.41 2.63 -5.09
C VAL B 150 -23.10 1.28 -5.16
N ILE B 151 -22.34 0.24 -5.47
CA ILE B 151 -22.88 -1.12 -5.51
C ILE B 151 -22.21 -1.91 -4.42
N THR B 152 -22.91 -2.09 -3.31
CA THR B 152 -22.40 -2.78 -2.14
C THR B 152 -22.92 -4.21 -1.99
N GLY B 153 -24.04 -4.55 -2.61
CA GLY B 153 -24.70 -5.80 -2.35
C GLY B 153 -25.95 -5.67 -1.51
N GLU B 154 -26.20 -4.51 -0.91
CA GLU B 154 -27.43 -4.25 -0.16
C GLU B 154 -28.69 -4.48 -1.00
N ARG B 155 -28.63 -4.23 -2.29
CA ARG B 155 -29.80 -4.41 -3.16
C ARG B 155 -29.99 -5.85 -3.64
N ILE B 156 -29.07 -6.77 -3.32
CA ILE B 156 -29.28 -8.17 -3.68
C ILE B 156 -30.53 -8.70 -2.97
N ARG B 157 -31.40 -9.36 -3.72
CA ARG B 157 -32.64 -9.92 -3.17
C ARG B 157 -32.85 -11.34 -3.70
N PRO B 158 -33.53 -12.19 -2.93
CA PRO B 158 -33.84 -13.54 -3.42
C PRO B 158 -34.50 -13.49 -4.79
N GLY B 159 -34.15 -14.44 -5.65
CA GLY B 159 -34.59 -14.43 -7.03
C GLY B 159 -33.61 -13.82 -8.02
N ASP B 160 -32.67 -12.99 -7.56
CA ASP B 160 -31.74 -12.35 -8.48
C ASP B 160 -30.90 -13.40 -9.21
N SER B 161 -30.46 -13.05 -10.41
CA SER B 161 -29.60 -13.92 -11.22
C SER B 161 -28.13 -13.73 -10.85
N VAL B 162 -27.38 -14.83 -10.84
CA VAL B 162 -25.97 -14.85 -10.47
C VAL B 162 -25.18 -15.28 -11.70
N ILE B 163 -24.26 -14.45 -12.16
CA ILE B 163 -23.54 -14.72 -13.41
C ILE B 163 -22.05 -14.72 -13.13
N GLY B 164 -21.36 -15.76 -13.59
CA GLY B 164 -19.91 -15.87 -13.44
C GLY B 164 -19.14 -15.49 -14.70
N ILE B 165 -18.03 -14.78 -14.51
CA ILE B 165 -17.05 -14.56 -15.58
C ILE B 165 -15.86 -15.47 -15.34
N SER B 166 -15.43 -16.18 -16.38
CA SER B 166 -14.34 -17.13 -16.24
C SER B 166 -13.07 -16.42 -15.76
N SER B 167 -12.32 -17.11 -14.92
CA SER B 167 -10.95 -16.71 -14.61
C SER B 167 -10.00 -17.08 -15.74
N SER B 168 -8.82 -16.44 -15.76
CA SER B 168 -7.77 -16.91 -16.67
C SER B 168 -7.11 -18.19 -16.18
N GLY B 169 -7.30 -18.56 -14.92
CA GLY B 169 -6.55 -19.64 -14.35
C GLY B 169 -6.55 -19.47 -12.83
N ILE B 170 -5.42 -19.83 -12.21
CA ILE B 170 -5.31 -19.82 -10.76
C ILE B 170 -5.39 -18.41 -10.17
N HIS B 171 -5.11 -17.37 -10.96
CA HIS B 171 -5.12 -15.98 -10.45
C HIS B 171 -4.09 -15.91 -9.31
N SER B 172 -4.42 -15.38 -8.13
CA SER B 172 -3.43 -15.09 -7.11
C SER B 172 -3.81 -15.64 -5.74
N ASN B 173 -4.63 -16.67 -5.68
CA ASN B 173 -4.98 -17.28 -4.40
C ASN B 173 -4.88 -18.78 -4.50
N GLY B 174 -4.50 -19.41 -3.38
CA GLY B 174 -4.27 -20.85 -3.36
C GLY B 174 -2.90 -21.26 -3.84
N LEU B 175 -2.00 -20.31 -4.08
CA LEU B 175 -0.66 -20.63 -4.56
C LEU B 175 0.12 -21.42 -3.51
N THR B 176 -0.03 -21.08 -2.23
CA THR B 176 0.67 -21.83 -1.18
C THR B 176 0.29 -23.31 -1.22
N LEU B 177 -1.01 -23.62 -1.22
CA LEU B 177 -1.44 -25.01 -1.33
C LEU B 177 -0.89 -25.65 -2.61
N ALA B 178 -0.98 -24.94 -3.74
CA ALA B 178 -0.58 -25.54 -5.01
C ALA B 178 0.93 -25.82 -5.03
N ARG B 179 1.74 -24.83 -4.67
CA ARG B 179 3.20 -25.02 -4.56
C ARG B 179 3.57 -26.22 -3.70
N LYS B 180 3.02 -26.27 -2.48
CA LYS B 180 3.47 -27.28 -1.53
C LYS B 180 3.06 -28.68 -1.95
N LEU B 181 1.94 -28.80 -2.65
CA LEU B 181 1.41 -30.07 -3.10
C LEU B 181 2.03 -30.53 -4.43
N LEU B 182 2.20 -29.62 -5.39
CA LEU B 182 2.57 -30.09 -6.72
C LEU B 182 4.07 -30.06 -6.98
N ILE B 183 4.80 -29.06 -6.47
CA ILE B 183 6.19 -28.91 -6.88
C ILE B 183 7.06 -30.05 -6.40
N PRO B 184 7.03 -30.46 -5.13
CA PRO B 184 7.86 -31.61 -4.72
C PRO B 184 7.69 -32.83 -5.61
N LYS B 185 6.44 -33.15 -5.95
CA LYS B 185 6.12 -34.38 -6.66
C LYS B 185 6.42 -34.30 -8.14
N TYR B 186 6.06 -33.18 -8.78
CA TYR B 186 6.18 -33.08 -10.23
C TYR B 186 7.31 -32.20 -10.69
N GLY B 187 7.62 -31.15 -9.92
CA GLY B 187 8.55 -30.13 -10.36
C GLY B 187 7.92 -29.20 -11.39
N LEU B 188 8.52 -28.02 -11.50
CA LEU B 188 7.91 -26.93 -12.26
C LEU B 188 7.94 -27.15 -13.76
N ASP B 189 8.74 -28.10 -14.26
CA ASP B 189 8.76 -28.39 -15.69
C ASP B 189 7.73 -29.45 -16.10
N TYR B 190 7.06 -30.09 -15.14
CA TYR B 190 6.10 -31.15 -15.46
C TYR B 190 5.04 -30.62 -16.42
N GLU B 191 4.79 -31.37 -17.50
CA GLU B 191 3.82 -30.94 -18.49
C GLU B 191 2.44 -31.54 -18.17
N TYR B 192 1.42 -30.70 -18.15
CA TYR B 192 0.06 -31.12 -17.86
C TYR B 192 -0.87 -30.46 -18.84
N GLU B 193 -1.57 -31.27 -19.63
CA GLU B 193 -2.52 -30.78 -20.62
C GLU B 193 -1.94 -29.66 -21.47
N GLY B 194 -0.71 -29.90 -21.94
CA GLY B 194 -0.10 -29.03 -22.93
C GLY B 194 0.75 -27.90 -22.40
N ARG B 195 0.87 -27.75 -21.07
CA ARG B 195 1.61 -26.63 -20.49
C ARG B 195 2.42 -27.07 -19.28
N LYS B 196 3.61 -26.49 -19.11
CA LYS B 196 4.41 -26.82 -17.94
C LYS B 196 3.76 -26.26 -16.69
N LEU B 197 3.96 -26.97 -15.57
CA LEU B 197 3.37 -26.55 -14.31
C LEU B 197 3.62 -25.06 -14.01
N TRP B 198 4.85 -24.56 -14.25
CA TRP B 198 5.07 -23.14 -13.94
C TRP B 198 4.20 -22.22 -14.80
N GLU B 199 3.88 -22.63 -16.03
CA GLU B 199 2.97 -21.81 -16.83
C GLU B 199 1.56 -21.77 -16.23
N TRP B 200 1.08 -22.91 -15.71
CA TRP B 200 -0.21 -22.92 -15.03
C TRP B 200 -0.18 -22.01 -13.81
N LEU B 201 0.89 -22.11 -13.02
CA LEU B 201 0.94 -21.39 -11.75
C LEU B 201 1.19 -19.90 -11.94
N LEU B 202 1.74 -19.49 -13.08
CA LEU B 202 2.09 -18.08 -13.28
C LEU B 202 1.15 -17.36 -14.21
N GLU B 203 0.17 -18.04 -14.79
CA GLU B 203 -0.78 -17.36 -15.67
C GLU B 203 -1.30 -16.08 -15.02
N PRO B 204 -1.16 -14.93 -15.67
CA PRO B 204 -1.53 -13.68 -14.99
C PRO B 204 -3.03 -13.56 -14.73
N THR B 205 -3.35 -12.96 -13.59
CA THR B 205 -4.72 -12.73 -13.16
C THR B 205 -5.46 -11.89 -14.21
N ARG B 206 -6.68 -12.30 -14.52
CA ARG B 206 -7.52 -11.54 -15.44
C ARG B 206 -7.97 -10.21 -14.85
N ILE B 207 -8.10 -9.22 -15.73
CA ILE B 207 -8.61 -7.90 -15.41
C ILE B 207 -10.03 -7.76 -15.96
N TYR B 208 -10.96 -7.33 -15.10
CA TYR B 208 -12.38 -7.31 -15.44
C TYR B 208 -12.93 -5.90 -15.60
N VAL B 209 -12.07 -4.88 -15.70
CA VAL B 209 -12.51 -3.49 -15.64
C VAL B 209 -13.41 -3.17 -16.82
N ARG B 210 -12.96 -3.50 -18.03
CA ARG B 210 -13.72 -3.16 -19.24
C ARG B 210 -15.11 -3.81 -19.25
N PRO B 211 -15.27 -5.13 -19.05
CA PRO B 211 -16.64 -5.66 -19.03
C PRO B 211 -17.46 -5.18 -17.85
N ILE B 212 -16.88 -5.06 -16.64
CA ILE B 212 -17.71 -4.61 -15.52
C ILE B 212 -18.15 -3.15 -15.71
N LEU B 213 -17.27 -2.28 -16.24
CA LEU B 213 -17.71 -0.90 -16.41
C LEU B 213 -18.80 -0.81 -17.48
N GLU B 214 -18.69 -1.60 -18.55
CA GLU B 214 -19.76 -1.63 -19.54
C GLU B 214 -21.05 -2.16 -18.94
N LEU B 215 -20.96 -3.19 -18.10
CA LEU B 215 -22.14 -3.77 -17.48
C LEU B 215 -22.90 -2.76 -16.63
N ILE B 216 -22.20 -2.09 -15.69
CA ILE B 216 -22.92 -1.21 -14.77
C ILE B 216 -23.43 0.04 -15.46
N ASN B 217 -22.87 0.40 -16.60
CA ASN B 217 -23.44 1.50 -17.37
C ASN B 217 -24.57 1.08 -18.33
N SER B 218 -24.94 -0.20 -18.36
CA SER B 218 -25.97 -0.70 -19.26
C SER B 218 -27.17 -1.34 -18.58
N VAL B 219 -26.97 -2.04 -17.47
CA VAL B 219 -28.03 -2.77 -16.79
C VAL B 219 -27.98 -2.42 -15.31
N GLU B 220 -29.07 -2.71 -14.63
CA GLU B 220 -29.12 -2.55 -13.19
C GLU B 220 -28.34 -3.70 -12.55
N VAL B 221 -27.41 -3.38 -11.64
CA VAL B 221 -26.54 -4.38 -11.03
C VAL B 221 -26.72 -4.31 -9.52
N HIS B 222 -26.92 -5.46 -8.88
CA HIS B 222 -27.11 -5.50 -7.44
C HIS B 222 -25.87 -5.91 -6.64
N GLY B 223 -24.93 -6.64 -7.23
CA GLY B 223 -23.76 -7.08 -6.50
C GLY B 223 -22.61 -7.40 -7.43
N LEU B 224 -21.39 -7.22 -6.93
CA LEU B 224 -20.18 -7.53 -7.70
C LEU B 224 -19.15 -8.12 -6.75
N ALA B 225 -18.61 -9.32 -7.07
CA ALA B 225 -17.67 -10.03 -6.20
C ALA B 225 -16.48 -10.54 -7.01
N HIS B 226 -15.31 -10.01 -6.69
CA HIS B 226 -14.04 -10.55 -7.18
C HIS B 226 -13.70 -11.79 -6.38
N ILE B 227 -13.49 -12.93 -7.06
CA ILE B 227 -13.22 -14.20 -6.38
C ILE B 227 -11.73 -14.28 -6.04
N THR B 228 -11.40 -14.05 -4.77
CA THR B 228 -10.03 -14.07 -4.28
C THR B 228 -9.90 -15.06 -3.12
N GLY B 229 -9.19 -14.68 -2.07
CA GLY B 229 -9.05 -15.57 -0.92
C GLY B 229 -10.41 -16.02 -0.42
N GLY B 230 -10.57 -17.33 -0.18
CA GLY B 230 -11.84 -17.87 0.25
C GLY B 230 -12.73 -18.34 -0.87
N GLY B 231 -12.34 -18.11 -2.12
CA GLY B 231 -13.09 -18.65 -3.25
C GLY B 231 -14.53 -18.17 -3.19
N LEU B 232 -15.46 -19.12 -3.32
CA LEU B 232 -16.88 -18.76 -3.37
C LEU B 232 -17.36 -18.09 -2.07
N LEU B 233 -16.65 -18.28 -0.95
CA LEU B 233 -17.06 -17.65 0.31
C LEU B 233 -17.13 -16.13 0.18
N ASN B 234 -16.45 -15.56 -0.81
CA ASN B 234 -16.53 -14.12 -0.99
C ASN B 234 -17.95 -13.65 -1.25
N LEU B 235 -18.81 -14.52 -1.81
CA LEU B 235 -20.19 -14.12 -2.07
C LEU B 235 -20.90 -13.70 -0.78
N LYS B 236 -20.55 -14.34 0.34
CA LYS B 236 -21.12 -14.01 1.63
C LYS B 236 -20.75 -12.59 2.09
N ARG B 237 -19.75 -11.94 1.47
CA ARG B 237 -19.47 -10.55 1.84
C ARG B 237 -20.51 -9.60 1.30
N LEU B 238 -21.22 -10.01 0.24
CA LEU B 238 -22.20 -9.15 -0.40
C LEU B 238 -23.55 -9.15 0.30
N THR B 239 -23.91 -10.26 0.96
CA THR B 239 -25.30 -10.44 1.35
C THR B 239 -25.39 -11.60 2.32
N ASN B 240 -26.47 -11.61 3.09
CA ASN B 240 -26.81 -12.75 3.93
C ASN B 240 -27.75 -13.74 3.24
N TYR B 241 -28.38 -13.36 2.14
CA TYR B 241 -29.21 -14.30 1.40
C TYR B 241 -28.34 -15.42 0.82
N GLY B 242 -28.97 -16.55 0.50
CA GLY B 242 -28.24 -17.70 0.04
C GLY B 242 -28.07 -17.71 -1.47
N PHE B 243 -27.37 -18.75 -1.95
CA PHE B 243 -27.03 -18.90 -3.36
C PHE B 243 -27.26 -20.34 -3.78
N GLU B 244 -27.78 -20.53 -4.99
CA GLU B 244 -27.91 -21.84 -5.60
C GLU B 244 -27.17 -21.80 -6.93
N LEU B 245 -26.07 -22.53 -7.03
CA LEU B 245 -25.15 -22.34 -8.14
C LEU B 245 -24.86 -23.65 -8.84
N GLU B 246 -24.69 -23.55 -10.15
CA GLU B 246 -24.09 -24.59 -10.97
C GLU B 246 -22.74 -24.08 -11.46
N MET B 247 -21.60 -24.66 -10.92
CA MET B 247 -20.27 -24.21 -11.37
C MET B 247 -19.71 -25.04 -12.53
N PRO B 248 -18.85 -24.39 -13.32
CA PRO B 248 -18.33 -25.00 -14.55
C PRO B 248 -17.49 -26.23 -14.28
N PRO B 249 -17.18 -27.03 -15.29
CA PRO B 249 -16.40 -28.26 -15.07
C PRO B 249 -15.00 -27.93 -14.55
N ILE B 250 -14.47 -28.81 -13.71
CA ILE B 250 -13.14 -28.63 -13.15
C ILE B 250 -12.10 -29.01 -14.19
N GLU B 251 -11.28 -28.04 -14.61
CA GLU B 251 -10.32 -28.25 -15.70
C GLU B 251 -8.96 -27.66 -15.33
N GLY B 252 -7.97 -27.94 -16.18
CA GLY B 252 -6.67 -27.31 -16.03
C GLY B 252 -6.04 -27.57 -14.69
N ILE B 253 -5.45 -26.51 -14.13
CA ILE B 253 -4.70 -26.64 -12.88
C ILE B 253 -5.60 -27.14 -11.75
N PHE B 254 -6.88 -26.76 -11.76
CA PHE B 254 -7.75 -27.14 -10.66
C PHE B 254 -8.00 -28.65 -10.67
N LYS B 255 -8.06 -29.23 -11.88
CA LYS B 255 -8.19 -30.69 -12.03
C LYS B 255 -6.96 -31.41 -11.52
N LEU B 256 -5.76 -30.94 -11.88
CA LEU B 256 -4.53 -31.51 -11.33
C LEU B 256 -4.53 -31.47 -9.81
N ILE B 257 -4.85 -30.31 -9.22
CA ILE B 257 -4.83 -30.20 -7.76
C ILE B 257 -5.85 -31.14 -7.13
N HIS B 258 -7.07 -31.17 -7.69
CA HIS B 258 -8.07 -32.09 -7.18
C HIS B 258 -7.60 -33.54 -7.28
N GLU B 259 -7.03 -33.89 -8.44
CA GLU B 259 -6.53 -35.25 -8.65
C GLU B 259 -5.41 -35.61 -7.69
N ASN B 260 -4.81 -34.62 -7.04
CA ASN B 260 -3.79 -34.88 -6.05
C ASN B 260 -4.31 -34.81 -4.63
N GLY B 261 -5.61 -34.95 -4.44
CA GLY B 261 -6.12 -35.25 -3.13
C GLY B 261 -6.69 -34.11 -2.34
N VAL B 262 -7.01 -32.99 -2.98
CA VAL B 262 -7.72 -31.90 -2.32
C VAL B 262 -9.21 -32.09 -2.59
N PRO B 263 -10.03 -32.27 -1.56
CA PRO B 263 -11.46 -32.47 -1.79
C PRO B 263 -12.14 -31.22 -2.30
N LEU B 264 -13.23 -31.43 -3.04
CA LEU B 264 -13.91 -30.32 -3.69
C LEU B 264 -14.39 -29.28 -2.70
N ASP B 265 -14.83 -29.73 -1.51
CA ASP B 265 -15.30 -28.79 -0.50
C ASP B 265 -14.23 -27.75 -0.20
N GLU B 266 -12.99 -28.19 0.02
CA GLU B 266 -11.89 -27.26 0.30
C GLU B 266 -11.54 -26.45 -0.94
N MET B 267 -11.53 -27.10 -2.09
CA MET B 267 -11.18 -26.44 -3.35
C MET B 267 -12.04 -25.22 -3.58
N PHE B 268 -13.34 -25.32 -3.33
CA PHE B 268 -14.22 -24.20 -3.61
C PHE B 268 -14.06 -23.08 -2.60
N ARG B 269 -13.49 -23.36 -1.42
CA ARG B 269 -13.15 -22.35 -0.44
C ARG B 269 -11.75 -21.76 -0.65
N VAL B 270 -11.00 -22.21 -1.64
CA VAL B 270 -9.60 -21.81 -1.74
C VAL B 270 -9.34 -21.21 -3.12
N PHE B 271 -9.70 -21.96 -4.15
CA PHE B 271 -9.39 -21.63 -5.54
C PHE B 271 -10.59 -20.98 -6.21
N ASN B 272 -10.34 -20.27 -7.31
CA ASN B 272 -11.48 -19.70 -8.00
C ASN B 272 -12.21 -20.70 -8.88
N MET B 273 -11.60 -21.86 -9.16
CA MET B 273 -12.28 -22.99 -9.77
C MET B 273 -12.77 -22.68 -11.18
N GLY B 274 -12.23 -21.63 -11.82
CA GLY B 274 -12.62 -21.27 -13.17
C GLY B 274 -13.49 -20.03 -13.26
N VAL B 275 -13.94 -19.49 -12.13
CA VAL B 275 -14.78 -18.28 -12.10
C VAL B 275 -14.08 -17.19 -11.29
N GLY B 276 -13.70 -16.11 -11.96
CA GLY B 276 -12.86 -15.10 -11.34
C GLY B 276 -13.64 -13.91 -10.83
N PHE B 277 -14.88 -13.77 -11.31
CA PHE B 277 -15.67 -12.61 -10.93
C PHE B 277 -17.13 -13.00 -11.07
N ILE B 278 -17.96 -12.59 -10.09
CA ILE B 278 -19.38 -12.92 -10.09
C ILE B 278 -20.20 -11.64 -9.94
N VAL B 279 -21.26 -11.52 -10.74
CA VAL B 279 -22.15 -10.36 -10.72
C VAL B 279 -23.56 -10.87 -10.39
N VAL B 280 -24.34 -10.03 -9.70
CA VAL B 280 -25.71 -10.36 -9.32
C VAL B 280 -26.60 -9.27 -9.90
N VAL B 281 -27.56 -9.66 -10.73
CA VAL B 281 -28.39 -8.69 -11.44
C VAL B 281 -29.85 -9.14 -11.31
N PRO B 282 -30.84 -8.26 -11.38
CA PRO B 282 -32.23 -8.75 -11.43
C PRO B 282 -32.44 -9.60 -12.68
N GLN B 283 -33.41 -10.53 -12.58
CA GLN B 283 -33.56 -11.55 -13.61
C GLN B 283 -33.86 -10.95 -14.97
N GLU B 284 -34.55 -9.80 -15.02
CA GLU B 284 -34.88 -9.19 -16.30
C GLU B 284 -33.66 -8.61 -17.01
N GLU B 285 -32.53 -8.47 -16.31
CA GLU B 285 -31.31 -7.97 -16.93
C GLU B 285 -30.39 -9.10 -17.37
N LYS B 286 -30.76 -10.34 -17.03
CA LYS B 286 -29.89 -11.50 -17.21
C LYS B 286 -29.37 -11.62 -18.64
N GLU B 287 -30.28 -11.55 -19.61
CA GLU B 287 -29.87 -11.82 -20.99
C GLU B 287 -28.87 -10.79 -21.47
N GLU B 288 -29.17 -9.51 -21.23
CA GLU B 288 -28.23 -8.46 -21.62
C GLU B 288 -26.93 -8.54 -20.84
N ALA B 289 -27.00 -8.86 -19.54
CA ALA B 289 -25.76 -9.02 -18.78
C ALA B 289 -24.84 -10.04 -19.43
N LEU B 290 -25.38 -11.23 -19.69
CA LEU B 290 -24.60 -12.30 -20.28
C LEU B 290 -24.03 -11.88 -21.63
N GLU B 291 -24.80 -11.14 -22.42
CA GLU B 291 -24.32 -10.69 -23.73
C GLU B 291 -23.12 -9.76 -23.59
N ILE B 292 -23.26 -8.70 -22.79
CA ILE B 292 -22.17 -7.75 -22.58
C ILE B 292 -20.91 -8.47 -22.09
N LEU B 293 -21.07 -9.32 -21.07
CA LEU B 293 -19.91 -9.99 -20.50
C LEU B 293 -19.29 -10.96 -21.49
N SER B 294 -20.12 -11.69 -22.24
CA SER B 294 -19.61 -12.71 -23.14
C SER B 294 -18.80 -12.13 -24.28
N ARG B 295 -18.99 -10.84 -24.60
CA ARG B 295 -18.16 -10.24 -25.64
C ARG B 295 -16.73 -10.02 -25.19
N HIS B 296 -16.46 -10.08 -23.88
CA HIS B 296 -15.11 -9.93 -23.37
C HIS B 296 -14.50 -11.28 -22.97
N TYR B 297 -15.25 -12.09 -22.22
CA TYR B 297 -14.73 -13.34 -21.72
C TYR B 297 -15.87 -14.34 -21.63
N LYS B 298 -15.52 -15.62 -21.65
CA LYS B 298 -16.52 -16.66 -21.46
C LYS B 298 -17.19 -16.48 -20.11
N SER B 299 -18.51 -16.45 -20.13
CA SER B 299 -19.32 -16.18 -18.95
C SER B 299 -20.40 -17.24 -18.83
N TYR B 300 -20.86 -17.46 -17.61
CA TYR B 300 -21.80 -18.51 -17.27
C TYR B 300 -22.97 -17.92 -16.49
N GLU B 301 -24.18 -18.41 -16.76
CA GLU B 301 -25.28 -18.18 -15.82
C GLU B 301 -25.12 -19.22 -14.74
N LEU B 302 -24.80 -18.80 -13.51
CA LEU B 302 -24.52 -19.80 -12.49
C LEU B 302 -25.74 -20.24 -11.70
N GLY B 303 -26.65 -19.31 -11.39
CA GLY B 303 -27.86 -19.69 -10.67
C GLY B 303 -28.58 -18.48 -10.12
N ASN B 304 -29.08 -18.58 -8.88
CA ASN B 304 -29.97 -17.57 -8.32
C ASN B 304 -29.66 -17.32 -6.86
N VAL B 305 -29.99 -16.13 -6.41
CA VAL B 305 -30.02 -15.83 -4.99
C VAL B 305 -31.28 -16.45 -4.42
N THR B 306 -31.20 -16.99 -3.21
CA THR B 306 -32.34 -17.67 -2.63
C THR B 306 -32.77 -17.01 -1.32
N ARG B 307 -34.09 -17.08 -1.06
CA ARG B 307 -34.65 -16.67 0.23
C ARG B 307 -34.02 -17.41 1.39
N GLU B 308 -33.53 -18.63 1.16
CA GLU B 308 -32.76 -19.31 2.20
C GLU B 308 -31.51 -18.49 2.49
N LEU B 309 -30.99 -18.60 3.72
CA LEU B 309 -29.98 -17.67 4.19
C LEU B 309 -28.63 -18.34 4.39
N GLY B 310 -27.57 -17.58 4.11
CA GLY B 310 -26.21 -17.92 4.48
C GLY B 310 -25.62 -19.14 3.82
N LYS B 311 -26.32 -19.81 2.91
CA LYS B 311 -25.83 -21.04 2.31
C LYS B 311 -25.42 -20.79 0.87
N ILE B 312 -24.31 -21.41 0.46
CA ILE B 312 -23.92 -21.45 -0.95
C ILE B 312 -23.98 -22.91 -1.39
N LYS B 313 -25.02 -23.29 -2.12
CA LYS B 313 -25.10 -24.67 -2.60
C LYS B 313 -24.60 -24.74 -4.04
N VAL B 314 -23.53 -25.49 -4.23
CA VAL B 314 -23.05 -25.80 -5.56
C VAL B 314 -23.74 -27.11 -5.93
N LYS B 315 -24.84 -27.02 -6.68
CA LYS B 315 -25.74 -28.15 -6.88
C LYS B 315 -25.07 -29.30 -7.65
N ASN B 316 -24.40 -28.99 -8.75
CA ASN B 316 -23.86 -30.06 -9.59
C ASN B 316 -22.66 -30.75 -8.98
N TYR B 317 -22.14 -30.27 -7.86
CA TYR B 317 -21.08 -30.99 -7.17
C TYR B 317 -21.47 -31.47 -5.80
N GLY B 318 -22.72 -31.27 -5.38
CA GLY B 318 -23.14 -31.72 -4.07
C GLY B 318 -22.45 -31.08 -2.89
N ILE B 319 -22.06 -29.81 -3.02
CA ILE B 319 -21.31 -29.09 -1.99
C ILE B 319 -22.18 -27.99 -1.43
N THR B 320 -22.10 -27.77 -0.11
CA THR B 320 -22.70 -26.61 0.52
C THR B 320 -21.66 -25.89 1.36
N LEU B 321 -21.42 -24.61 1.05
N LEU B 321 -21.42 -24.61 1.05
CA LEU B 321 -20.55 -23.77 1.89
CA LEU B 321 -20.51 -23.79 1.86
C LEU B 321 -21.39 -22.84 2.78
C LEU B 321 -21.26 -22.86 2.79
S SO4 C . 15.82 0.16 7.06
O1 SO4 C . 15.48 1.17 8.01
O2 SO4 C . 15.21 0.46 5.80
O3 SO4 C . 17.25 0.13 6.88
O4 SO4 C . 15.37 -1.12 7.51
S SO4 D . -1.43 -17.62 -1.76
O1 SO4 D . 0.01 -17.68 -1.79
O2 SO4 D . -1.94 -18.82 -1.18
O3 SO4 D . -1.92 -17.49 -3.11
O4 SO4 D . -1.84 -16.49 -1.00
#